data_5D3I
#
_entry.id   5D3I
#
_cell.length_a   104.198
_cell.length_b   104.198
_cell.length_c   153.625
_cell.angle_alpha   90.00
_cell.angle_beta   90.00
_cell.angle_gamma   120.00
#
_symmetry.space_group_name_H-M   'P 61'
#
loop_
_entity.id
_entity.type
_entity.pdbx_description
1 polymer 'Toll-like receptor 2'
2 polymer 'Staphylococcal Superantigen-Like protein 3'
3 branched 2-acetamido-2-deoxy-beta-D-glucopyranose-(1-4)-2-acetamido-2-deoxy-beta-D-glucopyranose
4 non-polymer 2-acetamido-2-deoxy-beta-D-glucopyranose
5 non-polymer 1,2-DIOLEOYL-SN-GLYCERO-3-PHOSPHOCHOLINE
6 non-polymer 'CHLORIDE ION'
#
loop_
_entity_poly.entity_id
_entity_poly.type
_entity_poly.pdbx_seq_one_letter_code
_entity_poly.pdbx_strand_id
1 'polypeptide(L)'
;GSQESLSCDASGVCDGRSRSFTSIPSGLTAAMKSLDLSFNKITYIGHGDLRACANLQVLILKSSRINTIEGDAFYSLGSL
EHLDLSDNHLSSLSSSWFGPLSSLKYLNLMGNPYQTLGVTSLFPNLTNLQTLRIGNVETFSEIRRIDFAGLTSLNELEIK
ALSLRNYQSQSLKSIRDIHHLTLHLSESAFLLEIFADILSSVRYLELRDTNLARFQFSPLPVDEVSSPMKKLAFRGSVLT
DESFNELLKLLRYILELSEVEFDDCTLNGLGDFNPSESDVVSELGKVETVTIRRLHIPQFYLFYDLSTVYSLLEKVKRIT
VENSKVFLVPCSFSQHLKSLEFLDLSENLMVEEYLKNSACKGAWPSLQTLVLSQNHLRSMQKTGEILLTLKNLTSLDISR
NTFHPMPDSCQWPEKMRFLNLSSTGIRVVKTCIPQTLEVLDVSNNNLDSFSLFLPRLQELYISRNKLKTLPDASLFPVLL
VMKIRENAVSTFSKDQLGSFPKLETLEAGDNHFVCSCELLSFTMETPALAQILVDWPDSYLCDSPPRLHGHRLQDARPSV
LECHQAAA
;
A
2 'polypeptide(L)'
;GSMTPKYEDLRAYYTKPSFEFEKQFGFMLKPWTTVRFMNVIPNRFIYKIALVGKDEKKYKDGPYDNIDVFIVLEDNKYQL
KKYSVGGITKTNSKKVNHKVELSITKKDNQGMISRDVSEYMITKEEISLKELDFKLRKQLIEKHNLYGNMGSGTIVIKMK
NGGKYTFELHKKLQEHRMADVIDGTNIDNIEVNIK
;
B
#
# COMPACT_ATOMS: atom_id res chain seq x y z
N SER A 5 -46.95 6.74 -18.79
CA SER A 5 -46.08 5.66 -18.35
C SER A 5 -44.76 6.21 -17.82
N LEU A 6 -44.60 7.53 -17.93
CA LEU A 6 -43.39 8.21 -17.46
C LEU A 6 -43.77 9.38 -16.56
N SER A 7 -42.89 9.72 -15.61
CA SER A 7 -43.19 10.82 -14.70
C SER A 7 -42.12 11.90 -14.64
N CYS A 8 -42.54 13.16 -14.73
CA CYS A 8 -41.62 14.29 -14.67
C CYS A 8 -41.90 15.14 -13.45
N ASP A 9 -40.87 15.79 -12.91
CA ASP A 9 -41.07 16.67 -11.76
C ASP A 9 -41.32 18.10 -12.18
N ALA A 10 -41.34 19.00 -11.20
CA ALA A 10 -41.59 20.42 -11.44
C ALA A 10 -40.44 21.15 -12.14
N SER A 11 -39.27 20.53 -12.21
CA SER A 11 -38.12 21.16 -12.84
C SER A 11 -37.84 20.68 -14.25
N GLY A 12 -38.80 19.99 -14.85
CA GLY A 12 -38.65 19.52 -16.22
C GLY A 12 -37.78 18.29 -16.30
N VAL A 13 -37.56 17.65 -15.15
CA VAL A 13 -36.78 16.42 -15.10
C VAL A 13 -37.73 15.25 -15.21
N CYS A 14 -37.66 14.52 -16.33
CA CYS A 14 -38.57 13.42 -16.55
C CYS A 14 -37.90 12.05 -16.47
N ASP A 15 -38.59 11.13 -15.81
CA ASP A 15 -38.11 9.78 -15.62
C ASP A 15 -38.89 8.78 -16.47
N GLY A 16 -38.19 8.13 -17.38
CA GLY A 16 -38.75 7.14 -18.27
C GLY A 16 -37.81 5.96 -18.25
N ARG A 17 -37.18 5.78 -17.10
CA ARG A 17 -36.20 4.73 -16.88
C ARG A 17 -36.87 3.39 -16.62
N SER A 18 -36.16 2.32 -16.97
CA SER A 18 -36.61 0.94 -16.78
C SER A 18 -38.06 0.66 -17.21
N ARG A 19 -38.48 1.28 -18.31
CA ARG A 19 -39.81 1.02 -18.85
C ARG A 19 -39.62 -0.03 -19.94
N SER A 20 -40.62 -0.25 -20.78
CA SER A 20 -40.46 -1.21 -21.86
C SER A 20 -40.60 -0.53 -23.21
N PHE A 21 -40.16 0.72 -23.29
CA PHE A 21 -40.23 1.50 -24.52
C PHE A 21 -39.52 0.79 -25.66
N THR A 22 -40.15 0.71 -26.83
CA THR A 22 -39.54 0.08 -27.98
C THR A 22 -39.20 1.14 -29.00
N SER A 23 -39.54 2.38 -28.64
CA SER A 23 -39.27 3.56 -29.46
C SER A 23 -39.36 4.76 -28.54
N ILE A 24 -38.82 5.89 -28.97
CA ILE A 24 -38.88 7.09 -28.15
C ILE A 24 -40.33 7.45 -27.93
N PRO A 25 -40.72 7.65 -26.66
CA PRO A 25 -42.11 8.01 -26.36
C PRO A 25 -42.55 9.29 -27.06
N SER A 26 -43.80 9.34 -27.46
CA SER A 26 -44.34 10.52 -28.14
C SER A 26 -44.75 11.59 -27.16
N GLY A 27 -45.05 12.77 -27.69
CA GLY A 27 -45.49 13.91 -26.91
C GLY A 27 -44.46 14.56 -26.00
N LEU A 28 -43.21 14.61 -26.43
CA LEU A 28 -42.17 15.26 -25.65
C LEU A 28 -42.35 16.76 -25.84
N THR A 29 -41.86 17.57 -24.91
CA THR A 29 -42.06 19.02 -25.03
C THR A 29 -40.78 19.83 -24.91
N ALA A 30 -40.89 21.12 -25.21
CA ALA A 30 -39.76 22.03 -25.13
C ALA A 30 -39.52 22.47 -23.69
N ALA A 31 -40.37 22.01 -22.78
CA ALA A 31 -40.26 22.34 -21.38
C ALA A 31 -39.38 21.32 -20.67
N MET A 32 -39.09 20.24 -21.37
CA MET A 32 -38.28 19.17 -20.81
C MET A 32 -36.81 19.57 -20.79
N LYS A 33 -36.21 19.45 -19.63
CA LYS A 33 -34.81 19.79 -19.41
C LYS A 33 -33.92 18.55 -19.28
N SER A 34 -34.47 17.49 -18.72
CA SER A 34 -33.72 16.25 -18.53
C SER A 34 -34.58 15.03 -18.85
N LEU A 35 -33.99 14.12 -19.61
CA LEU A 35 -34.69 12.89 -20.02
C LEU A 35 -33.87 11.65 -19.73
N ASP A 36 -34.42 10.77 -18.90
CA ASP A 36 -33.75 9.51 -18.56
C ASP A 36 -34.53 8.37 -19.20
N LEU A 37 -33.96 7.80 -20.26
CA LEU A 37 -34.59 6.70 -20.99
C LEU A 37 -33.75 5.45 -20.91
N SER A 38 -33.07 5.28 -19.79
CA SER A 38 -32.21 4.13 -19.57
C SER A 38 -32.98 2.84 -19.34
N PHE A 39 -32.27 1.74 -19.55
CA PHE A 39 -32.81 0.39 -19.38
C PHE A 39 -34.08 0.11 -20.16
N ASN A 40 -34.15 0.55 -21.41
CA ASN A 40 -35.32 0.26 -22.22
C ASN A 40 -35.01 -0.65 -23.40
N LYS A 41 -35.87 -0.62 -24.41
CA LYS A 41 -35.70 -1.45 -25.61
C LYS A 41 -35.96 -0.68 -26.90
N ILE A 42 -35.33 0.47 -27.06
CA ILE A 42 -35.53 1.30 -28.24
C ILE A 42 -34.60 0.91 -29.38
N THR A 43 -35.08 0.03 -30.25
CA THR A 43 -34.27 -0.45 -31.36
C THR A 43 -33.95 0.61 -32.41
N TYR A 44 -34.91 1.48 -32.71
CA TYR A 44 -34.69 2.48 -33.75
C TYR A 44 -35.08 3.89 -33.33
N ILE A 45 -34.28 4.87 -33.75
CA ILE A 45 -34.57 6.27 -33.48
C ILE A 45 -34.69 7.05 -34.80
N GLY A 46 -35.86 7.62 -35.06
CA GLY A 46 -36.07 8.33 -36.31
C GLY A 46 -35.69 9.80 -36.31
N HIS A 47 -35.96 10.46 -37.44
CA HIS A 47 -35.65 11.87 -37.65
C HIS A 47 -36.31 12.86 -36.68
N GLY A 48 -37.57 12.64 -36.36
CA GLY A 48 -38.32 13.55 -35.52
C GLY A 48 -38.67 13.11 -34.11
N ASP A 49 -38.18 11.95 -33.70
CA ASP A 49 -38.48 11.43 -32.37
C ASP A 49 -38.08 12.39 -31.25
N LEU A 50 -36.99 13.10 -31.45
CA LEU A 50 -36.48 14.02 -30.43
C LEU A 50 -36.49 15.48 -30.88
N ARG A 51 -37.30 15.78 -31.88
CA ARG A 51 -37.37 17.13 -32.44
C ARG A 51 -38.12 18.11 -31.54
N ALA A 52 -39.05 17.59 -30.73
CA ALA A 52 -39.86 18.44 -29.87
C ALA A 52 -39.13 18.97 -28.64
N CYS A 53 -38.16 18.22 -28.12
CA CYS A 53 -37.44 18.68 -26.93
C CYS A 53 -36.23 19.52 -27.32
N ALA A 54 -36.50 20.73 -27.83
CA ALA A 54 -35.44 21.62 -28.28
C ALA A 54 -34.63 22.18 -27.12
N ASN A 55 -35.20 22.16 -25.92
CA ASN A 55 -34.51 22.70 -24.76
C ASN A 55 -33.88 21.63 -23.86
N LEU A 56 -33.83 20.40 -24.35
CA LEU A 56 -33.25 19.31 -23.57
C LEU A 56 -31.78 19.59 -23.24
N GLN A 57 -31.41 19.39 -21.98
CA GLN A 57 -30.04 19.62 -21.54
C GLN A 57 -29.32 18.33 -21.23
N VAL A 58 -30.09 17.31 -20.84
CA VAL A 58 -29.52 16.03 -20.48
C VAL A 58 -30.23 14.90 -21.19
N LEU A 59 -29.46 14.04 -21.83
CA LEU A 59 -30.05 12.91 -22.52
C LEU A 59 -29.30 11.63 -22.22
N ILE A 60 -29.95 10.77 -21.45
CA ILE A 60 -29.39 9.49 -21.07
C ILE A 60 -30.14 8.40 -21.83
N LEU A 61 -29.41 7.62 -22.61
CA LEU A 61 -30.01 6.57 -23.41
C LEU A 61 -29.21 5.31 -23.15
N LYS A 62 -28.69 5.28 -21.93
CA LYS A 62 -27.87 4.20 -21.43
C LYS A 62 -28.64 2.90 -21.38
N SER A 63 -27.94 1.83 -21.71
CA SER A 63 -28.47 0.48 -21.67
C SER A 63 -29.81 0.22 -22.36
N SER A 64 -30.01 0.80 -23.53
CA SER A 64 -31.21 0.50 -24.30
C SER A 64 -30.69 -0.39 -25.40
N ARG A 65 -31.53 -0.87 -26.29
CA ARG A 65 -31.02 -1.77 -27.32
C ARG A 65 -30.93 -1.08 -28.66
N ILE A 66 -30.42 0.15 -28.62
CA ILE A 66 -30.29 0.99 -29.80
C ILE A 66 -29.29 0.45 -30.81
N ASN A 67 -29.74 0.18 -32.03
CA ASN A 67 -28.82 -0.29 -33.05
C ASN A 67 -28.82 0.60 -34.29
N THR A 68 -29.81 1.48 -34.40
CA THR A 68 -29.87 2.38 -35.55
C THR A 68 -30.34 3.80 -35.19
N ILE A 69 -29.57 4.79 -35.64
CA ILE A 69 -29.88 6.21 -35.42
C ILE A 69 -29.68 7.04 -36.67
N GLU A 70 -30.74 7.69 -37.16
CA GLU A 70 -30.62 8.51 -38.35
C GLU A 70 -29.60 9.63 -38.15
N GLY A 71 -28.87 9.97 -39.21
CA GLY A 71 -27.86 11.01 -39.17
C GLY A 71 -28.26 12.35 -38.59
N ASP A 72 -29.49 12.76 -38.85
CA ASP A 72 -29.98 14.05 -38.37
C ASP A 72 -30.94 13.95 -37.17
N ALA A 73 -30.89 12.83 -36.48
CA ALA A 73 -31.75 12.58 -35.32
C ALA A 73 -31.62 13.63 -34.22
N PHE A 74 -30.45 14.24 -34.09
CA PHE A 74 -30.21 15.22 -33.04
C PHE A 74 -30.15 16.66 -33.52
N TYR A 75 -30.71 16.93 -34.70
CA TYR A 75 -30.69 18.26 -35.29
C TYR A 75 -31.19 19.40 -34.41
N SER A 76 -32.20 19.14 -33.58
CA SER A 76 -32.74 20.20 -32.73
C SER A 76 -32.24 20.20 -31.30
N LEU A 77 -31.24 19.38 -31.00
CA LEU A 77 -30.73 19.34 -29.64
C LEU A 77 -29.55 20.28 -29.47
N GLY A 78 -29.71 21.51 -29.94
CA GLY A 78 -28.67 22.50 -29.84
C GLY A 78 -28.34 22.96 -28.43
N SER A 79 -29.19 22.58 -27.47
CA SER A 79 -28.95 22.97 -26.09
C SER A 79 -28.47 21.80 -25.24
N LEU A 80 -28.39 20.63 -25.87
CA LEU A 80 -27.95 19.43 -25.18
C LEU A 80 -26.54 19.60 -24.64
N GLU A 81 -26.33 19.23 -23.39
CA GLU A 81 -25.01 19.34 -22.78
C GLU A 81 -24.43 17.99 -22.42
N HIS A 82 -25.32 17.01 -22.23
CA HIS A 82 -24.91 15.67 -21.82
C HIS A 82 -25.58 14.58 -22.65
N LEU A 83 -24.76 13.77 -23.31
CA LEU A 83 -25.28 12.67 -24.11
C LEU A 83 -24.57 11.39 -23.70
N ASP A 84 -25.35 10.46 -23.17
CA ASP A 84 -24.83 9.17 -22.72
C ASP A 84 -25.46 8.07 -23.55
N LEU A 85 -24.66 7.45 -24.41
CA LEU A 85 -25.13 6.36 -25.26
C LEU A 85 -24.43 5.04 -24.94
N SER A 86 -23.85 4.97 -23.76
CA SER A 86 -23.11 3.78 -23.33
C SER A 86 -23.96 2.52 -23.23
N ASP A 87 -23.31 1.39 -23.41
CA ASP A 87 -23.92 0.07 -23.32
C ASP A 87 -25.10 -0.12 -24.25
N ASN A 88 -24.97 0.38 -25.47
CA ASN A 88 -26.03 0.19 -26.45
C ASN A 88 -25.51 -0.79 -27.49
N HIS A 89 -26.14 -0.85 -28.66
CA HIS A 89 -25.74 -1.83 -29.66
C HIS A 89 -25.27 -1.18 -30.96
N LEU A 90 -24.85 0.07 -30.86
CA LEU A 90 -24.34 0.81 -32.00
C LEU A 90 -23.04 0.21 -32.54
N SER A 91 -23.08 -0.37 -33.73
CA SER A 91 -21.87 -0.96 -34.30
C SER A 91 -21.18 -0.05 -35.30
N SER A 92 -21.79 1.09 -35.58
CA SER A 92 -21.23 2.07 -36.50
C SER A 92 -21.56 3.49 -36.05
N LEU A 93 -20.60 4.41 -36.17
CA LEU A 93 -20.90 5.79 -35.76
C LEU A 93 -20.93 6.76 -36.95
N SER A 94 -21.85 7.72 -36.86
CA SER A 94 -22.03 8.73 -37.91
C SER A 94 -21.71 10.12 -37.42
N SER A 95 -20.86 10.81 -38.16
CA SER A 95 -20.44 12.17 -37.83
C SER A 95 -21.60 13.16 -37.85
N SER A 96 -22.65 12.80 -38.57
CA SER A 96 -23.84 13.64 -38.69
C SER A 96 -24.54 13.85 -37.35
N TRP A 97 -24.47 12.86 -36.47
CA TRP A 97 -25.12 12.93 -35.16
C TRP A 97 -24.68 14.05 -34.24
N PHE A 98 -23.38 14.33 -34.23
CA PHE A 98 -22.81 15.30 -33.31
C PHE A 98 -22.73 16.74 -33.81
N GLY A 99 -22.85 16.93 -35.12
CA GLY A 99 -22.78 18.26 -35.70
C GLY A 99 -23.61 19.36 -35.06
N PRO A 100 -24.87 19.09 -34.70
CA PRO A 100 -25.62 20.19 -34.10
C PRO A 100 -25.50 20.32 -32.58
N LEU A 101 -24.70 19.47 -31.95
CA LEU A 101 -24.57 19.53 -30.50
C LEU A 101 -23.42 20.45 -30.10
N SER A 102 -23.52 21.72 -30.44
CA SER A 102 -22.47 22.69 -30.14
C SER A 102 -22.27 22.90 -28.64
N SER A 103 -23.31 22.66 -27.86
CA SER A 103 -23.25 22.85 -26.41
C SER A 103 -22.88 21.61 -25.61
N LEU A 104 -22.65 20.50 -26.30
CA LEU A 104 -22.34 19.22 -25.65
C LEU A 104 -21.08 19.28 -24.79
N LYS A 105 -21.20 18.82 -23.55
CA LYS A 105 -20.07 18.80 -22.63
C LYS A 105 -19.62 17.39 -22.26
N TYR A 106 -20.56 16.45 -22.26
CA TYR A 106 -20.26 15.07 -21.90
C TYR A 106 -20.78 14.14 -22.97
N LEU A 107 -19.92 13.24 -23.45
CA LEU A 107 -20.32 12.29 -24.47
C LEU A 107 -19.77 10.90 -24.21
N ASN A 108 -20.67 9.93 -24.04
CA ASN A 108 -20.27 8.56 -23.79
C ASN A 108 -20.74 7.62 -24.90
N LEU A 109 -19.79 7.03 -25.62
CA LEU A 109 -20.10 6.12 -26.71
C LEU A 109 -19.51 4.74 -26.43
N MET A 110 -19.01 4.58 -25.21
CA MET A 110 -18.36 3.36 -24.75
C MET A 110 -19.32 2.18 -24.58
N GLY A 111 -18.81 0.97 -24.77
CA GLY A 111 -19.63 -0.20 -24.60
C GLY A 111 -20.43 -0.61 -25.81
N ASN A 112 -20.16 0.03 -26.95
CA ASN A 112 -20.83 -0.34 -28.19
C ASN A 112 -19.86 -1.15 -29.04
N PRO A 113 -20.39 -2.15 -29.76
CA PRO A 113 -19.57 -3.03 -30.60
C PRO A 113 -19.03 -2.43 -31.90
N TYR A 114 -18.68 -1.15 -31.93
CA TYR A 114 -18.12 -0.62 -33.17
C TYR A 114 -16.64 -0.94 -33.20
N GLN A 115 -16.08 -1.05 -34.40
CA GLN A 115 -14.66 -1.38 -34.53
C GLN A 115 -13.79 -0.14 -34.59
N THR A 116 -14.39 0.97 -35.02
CA THR A 116 -13.70 2.25 -35.11
C THR A 116 -14.69 3.38 -34.94
N LEU A 117 -14.17 4.60 -34.86
CA LEU A 117 -14.99 5.78 -34.71
C LEU A 117 -15.56 6.19 -36.07
N GLY A 118 -15.17 5.44 -37.10
CA GLY A 118 -15.63 5.70 -38.45
C GLY A 118 -14.57 6.36 -39.30
N VAL A 119 -14.90 6.54 -40.59
CA VAL A 119 -13.97 7.13 -41.54
C VAL A 119 -14.05 8.65 -41.49
N THR A 120 -14.99 9.16 -40.70
CA THR A 120 -15.18 10.60 -40.58
C THR A 120 -15.09 11.08 -39.13
N SER A 121 -14.35 12.17 -38.92
CA SER A 121 -14.19 12.75 -37.59
C SER A 121 -15.54 13.03 -36.96
N LEU A 122 -15.77 12.51 -35.76
CA LEU A 122 -17.06 12.68 -35.09
C LEU A 122 -17.17 13.95 -34.25
N PHE A 123 -16.04 14.45 -33.77
CA PHE A 123 -16.05 15.58 -32.83
C PHE A 123 -15.51 16.97 -33.25
N PRO A 124 -15.20 17.21 -34.54
CA PRO A 124 -14.67 18.56 -34.80
C PRO A 124 -15.55 19.75 -34.41
N ASN A 125 -16.84 19.56 -34.17
CA ASN A 125 -17.71 20.69 -33.84
C ASN A 125 -18.13 20.76 -32.37
N LEU A 126 -17.83 19.71 -31.61
CA LEU A 126 -18.07 19.69 -30.17
C LEU A 126 -17.08 20.56 -29.44
N THR A 127 -17.13 21.86 -29.72
CA THR A 127 -16.22 22.83 -29.14
C THR A 127 -16.27 22.92 -27.61
N ASN A 128 -17.36 22.46 -27.00
CA ASN A 128 -17.44 22.54 -25.55
C ASN A 128 -17.25 21.23 -24.82
N LEU A 129 -16.92 20.18 -25.56
CA LEU A 129 -16.72 18.88 -24.94
C LEU A 129 -15.63 18.90 -23.86
N GLN A 130 -15.92 18.30 -22.71
CA GLN A 130 -15.00 18.22 -21.60
C GLN A 130 -14.68 16.77 -21.29
N THR A 131 -15.66 15.91 -21.53
CA THR A 131 -15.51 14.51 -21.23
C THR A 131 -15.94 13.65 -22.40
N LEU A 132 -15.06 12.73 -22.77
CA LEU A 132 -15.30 11.82 -23.88
C LEU A 132 -14.91 10.39 -23.53
N ARG A 133 -15.83 9.45 -23.74
CA ARG A 133 -15.55 8.05 -23.47
C ARG A 133 -15.86 7.20 -24.68
N ILE A 134 -14.87 6.42 -25.11
CA ILE A 134 -15.02 5.57 -26.28
C ILE A 134 -14.33 4.21 -26.10
N GLY A 135 -14.65 3.29 -27.00
CA GLY A 135 -14.05 1.98 -26.98
C GLY A 135 -14.89 0.87 -26.41
N ASN A 136 -14.27 -0.30 -26.30
CA ASN A 136 -14.91 -1.50 -25.81
C ASN A 136 -13.90 -2.59 -25.50
N VAL A 137 -14.39 -3.70 -24.95
CA VAL A 137 -13.51 -4.80 -24.58
C VAL A 137 -13.06 -5.63 -25.78
N GLU A 138 -13.99 -5.95 -26.68
CA GLU A 138 -13.75 -6.98 -27.68
C GLU A 138 -13.44 -6.52 -29.10
N THR A 139 -14.06 -5.43 -29.55
CA THR A 139 -14.01 -5.13 -30.97
C THR A 139 -13.27 -3.86 -31.39
N PHE A 140 -13.22 -2.86 -30.52
CA PHE A 140 -12.52 -1.63 -30.89
C PHE A 140 -11.07 -1.95 -31.15
N SER A 141 -10.65 -1.88 -32.40
CA SER A 141 -9.29 -2.27 -32.76
C SER A 141 -8.37 -1.25 -33.43
N GLU A 142 -8.85 -0.05 -33.73
CA GLU A 142 -7.95 0.89 -34.38
C GLU A 142 -8.16 2.38 -34.07
N ILE A 143 -7.05 3.08 -33.87
CA ILE A 143 -7.09 4.51 -33.62
C ILE A 143 -6.36 5.25 -34.71
N ARG A 144 -7.04 6.20 -35.34
CA ARG A 144 -6.49 6.95 -36.46
C ARG A 144 -6.34 8.42 -36.09
N ARG A 145 -5.49 9.13 -36.82
CA ARG A 145 -5.27 10.53 -36.51
C ARG A 145 -6.51 11.42 -36.56
N ILE A 146 -7.49 11.07 -37.37
CA ILE A 146 -8.69 11.88 -37.48
C ILE A 146 -9.70 11.63 -36.38
N ASP A 147 -9.55 10.50 -35.69
CA ASP A 147 -10.49 10.10 -34.65
C ASP A 147 -10.74 11.23 -33.65
N PHE A 148 -9.69 11.90 -33.23
CA PHE A 148 -9.80 12.95 -32.23
C PHE A 148 -9.57 14.34 -32.78
N ALA A 149 -9.68 14.47 -34.09
CA ALA A 149 -9.50 15.76 -34.76
C ALA A 149 -10.50 16.79 -34.24
N GLY A 150 -10.04 18.01 -34.04
CA GLY A 150 -10.91 19.07 -33.54
C GLY A 150 -10.89 19.29 -32.05
N LEU A 151 -10.47 18.29 -31.28
CA LEU A 151 -10.41 18.45 -29.83
C LEU A 151 -9.13 19.10 -29.35
N THR A 152 -9.29 20.16 -28.56
CA THR A 152 -8.19 20.91 -28.03
C THR A 152 -7.99 20.60 -26.56
N SER A 153 -9.07 20.66 -25.78
CA SER A 153 -8.96 20.38 -24.36
C SER A 153 -10.10 19.50 -23.83
N LEU A 154 -9.73 18.54 -22.99
CA LEU A 154 -10.67 17.63 -22.36
C LEU A 154 -10.31 17.47 -20.90
N ASN A 155 -11.31 17.34 -20.03
CA ASN A 155 -10.99 17.12 -18.62
C ASN A 155 -10.75 15.66 -18.40
N GLU A 156 -11.54 14.83 -19.06
CA GLU A 156 -11.42 13.39 -18.93
C GLU A 156 -11.65 12.73 -20.27
N LEU A 157 -10.72 11.85 -20.62
CA LEU A 157 -10.79 11.09 -21.84
C LEU A 157 -10.51 9.64 -21.49
N GLU A 158 -11.48 8.77 -21.74
CA GLU A 158 -11.30 7.36 -21.46
C GLU A 158 -11.38 6.59 -22.77
N ILE A 159 -10.36 5.78 -23.01
CA ILE A 159 -10.29 4.99 -24.22
C ILE A 159 -10.12 3.52 -23.90
N LYS A 160 -11.13 2.72 -24.20
CA LYS A 160 -11.03 1.29 -23.94
C LYS A 160 -10.58 0.60 -25.20
N ALA A 161 -9.34 0.11 -25.22
CA ALA A 161 -8.80 -0.51 -26.41
C ALA A 161 -8.03 -1.77 -26.07
N LEU A 162 -8.68 -2.65 -25.33
CA LEU A 162 -8.07 -3.90 -24.92
C LEU A 162 -7.80 -4.79 -26.13
N SER A 163 -8.52 -4.54 -27.21
CA SER A 163 -8.36 -5.32 -28.44
C SER A 163 -7.70 -4.54 -29.56
N LEU A 164 -7.01 -3.46 -29.22
CA LEU A 164 -6.34 -2.62 -30.22
C LEU A 164 -5.37 -3.38 -31.13
N ARG A 165 -5.49 -3.15 -32.44
CA ARG A 165 -4.60 -3.78 -33.43
C ARG A 165 -3.65 -2.78 -34.08
N ASN A 166 -4.06 -1.53 -34.12
CA ASN A 166 -3.23 -0.48 -34.71
C ASN A 166 -3.54 0.91 -34.22
N TYR A 167 -2.48 1.64 -33.97
CA TYR A 167 -2.54 3.02 -33.52
C TYR A 167 -1.79 3.91 -34.50
N GLN A 168 -2.47 4.85 -35.16
CA GLN A 168 -1.74 5.72 -36.09
C GLN A 168 -0.92 6.73 -35.32
N SER A 169 0.36 6.77 -35.64
CA SER A 169 1.29 7.67 -34.97
C SER A 169 0.85 9.12 -35.06
N GLN A 170 0.97 9.81 -33.94
CA GLN A 170 0.64 11.23 -33.75
C GLN A 170 -0.85 11.45 -33.51
N SER A 171 -1.63 10.38 -33.43
CA SER A 171 -3.08 10.49 -33.21
C SER A 171 -3.50 11.24 -31.96
N LEU A 172 -2.86 10.92 -30.84
CA LEU A 172 -3.20 11.55 -29.58
C LEU A 172 -2.50 12.89 -29.41
N LYS A 173 -1.51 13.16 -30.25
CA LYS A 173 -0.72 14.38 -30.15
C LYS A 173 -1.47 15.67 -30.39
N SER A 174 -2.55 15.61 -31.16
CA SER A 174 -3.31 16.81 -31.47
C SER A 174 -4.06 17.41 -30.29
N ILE A 175 -4.31 16.62 -29.25
CA ILE A 175 -5.02 17.19 -28.12
C ILE A 175 -4.02 17.98 -27.30
N ARG A 176 -4.33 19.24 -27.06
CA ARG A 176 -3.44 20.13 -26.34
C ARG A 176 -3.34 19.81 -24.85
N ASP A 177 -4.49 19.63 -24.20
CA ASP A 177 -4.54 19.31 -22.77
C ASP A 177 -5.60 18.28 -22.43
N ILE A 178 -5.24 17.37 -21.53
CA ILE A 178 -6.11 16.32 -21.05
C ILE A 178 -5.80 16.17 -19.58
N HIS A 179 -6.74 16.56 -18.72
CA HIS A 179 -6.50 16.49 -17.30
C HIS A 179 -6.43 15.05 -16.82
N HIS A 180 -7.22 14.16 -17.41
CA HIS A 180 -7.20 12.79 -16.96
C HIS A 180 -7.43 11.82 -18.12
N LEU A 181 -6.41 11.06 -18.46
CA LEU A 181 -6.48 10.07 -19.52
C LEU A 181 -6.51 8.67 -18.94
N THR A 182 -7.53 7.89 -19.32
CA THR A 182 -7.67 6.53 -18.87
C THR A 182 -7.53 5.61 -20.06
N LEU A 183 -6.55 4.72 -20.02
CA LEU A 183 -6.32 3.81 -21.14
C LEU A 183 -6.47 2.35 -20.79
N HIS A 184 -7.33 1.66 -21.50
CA HIS A 184 -7.48 0.25 -21.27
C HIS A 184 -6.71 -0.49 -22.35
N LEU A 185 -5.56 -1.04 -21.98
CA LEU A 185 -4.72 -1.78 -22.91
C LEU A 185 -4.42 -3.12 -22.30
N SER A 186 -4.52 -4.20 -23.07
CA SER A 186 -4.25 -5.52 -22.54
C SER A 186 -2.79 -5.92 -22.70
N GLU A 187 -2.13 -5.31 -23.67
CA GLU A 187 -0.73 -5.58 -23.99
C GLU A 187 0.06 -4.29 -24.01
N SER A 188 1.38 -4.38 -23.93
CA SER A 188 2.22 -3.19 -23.92
C SER A 188 2.72 -2.78 -25.30
N ALA A 189 2.31 -3.53 -26.32
CA ALA A 189 2.74 -3.29 -27.69
C ALA A 189 2.70 -1.83 -28.16
N PHE A 190 1.63 -1.12 -27.83
CA PHE A 190 1.52 0.28 -28.27
C PHE A 190 1.75 1.32 -27.19
N LEU A 191 2.19 0.90 -26.01
CA LEU A 191 2.41 1.84 -24.92
C LEU A 191 3.41 2.95 -25.25
N LEU A 192 4.54 2.60 -25.86
CA LEU A 192 5.54 3.61 -26.22
C LEU A 192 5.04 4.63 -27.23
N GLU A 193 4.30 4.17 -28.23
CA GLU A 193 3.79 5.08 -29.24
C GLU A 193 2.77 6.03 -28.66
N ILE A 194 1.89 5.50 -27.81
CA ILE A 194 0.87 6.32 -27.19
C ILE A 194 1.50 7.31 -26.22
N PHE A 195 2.39 6.82 -25.36
CA PHE A 195 3.06 7.67 -24.38
C PHE A 195 3.72 8.88 -25.02
N ALA A 196 4.41 8.66 -26.12
CA ALA A 196 5.09 9.74 -26.82
C ALA A 196 4.12 10.81 -27.27
N ASP A 197 2.89 10.41 -27.59
CA ASP A 197 1.91 11.36 -28.08
C ASP A 197 1.15 12.10 -26.99
N ILE A 198 1.37 11.73 -25.73
CA ILE A 198 0.66 12.39 -24.65
C ILE A 198 1.53 13.13 -23.63
N LEU A 199 2.83 13.22 -23.89
CA LEU A 199 3.73 13.88 -22.96
C LEU A 199 3.42 15.33 -22.69
N SER A 200 2.82 16.01 -23.66
CA SER A 200 2.52 17.42 -23.49
C SER A 200 1.10 17.73 -23.08
N SER A 201 0.22 16.74 -23.12
CA SER A 201 -1.18 17.00 -22.84
C SER A 201 -1.72 16.38 -21.56
N VAL A 202 -1.38 15.11 -21.30
CA VAL A 202 -1.93 14.41 -20.14
C VAL A 202 -1.33 14.79 -18.78
N ARG A 203 -2.20 15.20 -17.87
CA ARG A 203 -1.84 15.60 -16.53
C ARG A 203 -1.93 14.44 -15.57
N TYR A 204 -2.78 13.47 -15.91
CA TYR A 204 -2.98 12.31 -15.08
C TYR A 204 -3.25 11.12 -16.01
N LEU A 205 -2.33 10.17 -16.02
CA LEU A 205 -2.45 8.98 -16.85
C LEU A 205 -2.78 7.76 -16.02
N GLU A 206 -3.81 7.04 -16.45
CA GLU A 206 -4.26 5.83 -15.76
C GLU A 206 -4.27 4.63 -16.72
N LEU A 207 -3.51 3.60 -16.42
CA LEU A 207 -3.47 2.42 -17.28
C LEU A 207 -4.17 1.23 -16.65
N ARG A 208 -5.19 0.73 -17.32
CA ARG A 208 -5.93 -0.39 -16.77
C ARG A 208 -5.78 -1.72 -17.50
N ASP A 209 -5.67 -2.77 -16.70
CA ASP A 209 -5.59 -4.15 -17.17
C ASP A 209 -4.46 -4.46 -18.14
N THR A 210 -3.37 -3.71 -18.08
CA THR A 210 -2.29 -3.94 -19.02
C THR A 210 -1.28 -4.99 -18.60
N ASN A 211 -1.02 -5.97 -19.46
CA ASN A 211 0.01 -6.95 -19.13
C ASN A 211 1.34 -6.36 -19.58
N LEU A 212 2.16 -5.95 -18.63
CA LEU A 212 3.42 -5.32 -18.96
C LEU A 212 4.63 -6.23 -18.74
N ALA A 213 4.39 -7.53 -18.68
CA ALA A 213 5.49 -8.47 -18.47
C ALA A 213 6.52 -8.42 -19.58
N ARG A 214 6.04 -8.16 -20.79
CA ARG A 214 6.88 -8.11 -21.98
C ARG A 214 7.35 -6.71 -22.35
N PHE A 215 7.00 -5.72 -21.53
CA PHE A 215 7.37 -4.35 -21.83
C PHE A 215 8.86 -4.13 -21.86
N GLN A 216 9.31 -3.39 -22.86
CA GLN A 216 10.70 -3.04 -23.02
C GLN A 216 10.81 -1.59 -23.48
N PHE A 217 11.69 -0.85 -22.83
CA PHE A 217 11.91 0.56 -23.10
C PHE A 217 12.83 0.85 -24.28
N SER A 218 12.63 2.02 -24.87
CA SER A 218 13.44 2.52 -25.98
C SER A 218 13.25 4.03 -26.00
N PRO A 219 14.33 4.77 -26.23
CA PRO A 219 14.35 6.24 -26.26
C PRO A 219 13.27 6.89 -27.11
N LEU A 220 12.57 7.84 -26.51
CA LEU A 220 11.52 8.59 -27.18
C LEU A 220 12.05 9.94 -27.62
N PRO A 221 11.44 10.53 -28.66
CA PRO A 221 11.81 11.88 -29.12
C PRO A 221 11.73 12.91 -28.00
N VAL A 222 12.89 13.35 -27.52
CA VAL A 222 12.96 14.42 -26.55
C VAL A 222 12.46 15.72 -27.18
N ASP A 223 11.54 16.39 -26.49
CA ASP A 223 10.91 17.56 -27.10
C ASP A 223 11.08 18.83 -26.28
N GLU A 224 10.46 19.90 -26.78
CA GLU A 224 10.68 21.25 -26.27
C GLU A 224 10.46 21.40 -24.77
N VAL A 225 9.20 21.38 -24.35
CA VAL A 225 8.87 21.68 -22.97
C VAL A 225 8.65 20.42 -22.13
N SER A 226 8.55 20.64 -20.82
CA SER A 226 8.38 19.54 -19.88
C SER A 226 6.93 19.06 -19.88
N SER A 227 6.78 17.79 -19.56
CA SER A 227 5.49 17.15 -19.42
C SER A 227 4.71 17.71 -18.23
N PRO A 228 3.41 17.98 -18.41
CA PRO A 228 2.60 18.52 -17.32
C PRO A 228 2.03 17.43 -16.43
N MET A 229 2.47 16.20 -16.68
CA MET A 229 2.00 15.04 -15.94
C MET A 229 2.42 15.10 -14.49
N LYS A 230 1.46 15.08 -13.59
CA LYS A 230 1.73 15.14 -12.16
C LYS A 230 1.41 13.81 -11.49
N LYS A 231 0.50 13.03 -12.07
CA LYS A 231 0.14 11.75 -11.48
C LYS A 231 0.10 10.66 -12.54
N LEU A 232 0.58 9.49 -12.15
CA LEU A 232 0.63 8.31 -13.01
C LEU A 232 0.14 7.13 -12.18
N ALA A 233 -0.81 6.39 -12.71
CA ALA A 233 -1.36 5.25 -12.01
C ALA A 233 -1.48 4.01 -12.87
N PHE A 234 -1.22 2.86 -12.28
CA PHE A 234 -1.35 1.60 -12.99
C PHE A 234 -2.40 0.77 -12.26
N ARG A 235 -3.38 0.25 -13.00
CA ARG A 235 -4.45 -0.55 -12.40
C ARG A 235 -4.60 -1.91 -13.06
N GLY A 236 -4.43 -2.96 -12.27
CA GLY A 236 -4.56 -4.32 -12.76
C GLY A 236 -3.46 -4.71 -13.69
N SER A 237 -2.27 -4.14 -13.50
CA SER A 237 -1.17 -4.46 -14.38
C SER A 237 -0.42 -5.67 -13.90
N VAL A 238 0.35 -6.28 -14.79
CA VAL A 238 1.20 -7.40 -14.45
C VAL A 238 2.63 -6.99 -14.71
N LEU A 239 3.51 -7.13 -13.72
CA LEU A 239 4.88 -6.74 -13.95
C LEU A 239 5.83 -7.84 -13.53
N THR A 240 7.06 -7.70 -13.98
CA THR A 240 8.16 -8.58 -13.62
C THR A 240 9.20 -7.64 -13.05
N ASP A 241 10.17 -8.14 -12.31
CA ASP A 241 11.19 -7.25 -11.78
C ASP A 241 11.92 -6.59 -12.94
N GLU A 242 12.06 -7.30 -14.05
CA GLU A 242 12.74 -6.73 -15.20
C GLU A 242 11.96 -5.61 -15.87
N SER A 243 10.68 -5.88 -16.12
CA SER A 243 9.81 -4.91 -16.77
C SER A 243 9.50 -3.72 -15.90
N PHE A 244 9.53 -3.91 -14.59
CA PHE A 244 9.26 -2.82 -13.68
C PHE A 244 10.37 -1.81 -13.84
N ASN A 245 11.59 -2.29 -14.00
CA ASN A 245 12.72 -1.42 -14.19
C ASN A 245 12.61 -0.64 -15.48
N GLU A 246 12.10 -1.29 -16.52
CA GLU A 246 11.93 -0.65 -17.82
C GLU A 246 10.92 0.48 -17.71
N LEU A 247 9.85 0.28 -16.97
CA LEU A 247 8.84 1.32 -16.79
C LEU A 247 9.42 2.56 -16.15
N LEU A 248 10.25 2.37 -15.13
CA LEU A 248 10.87 3.50 -14.43
C LEU A 248 11.67 4.39 -15.36
N LYS A 249 12.18 3.83 -16.46
CA LYS A 249 12.96 4.60 -17.39
C LYS A 249 12.12 5.66 -18.07
N LEU A 250 10.81 5.51 -18.02
CA LEU A 250 9.91 6.49 -18.63
C LEU A 250 9.86 7.74 -17.80
N LEU A 251 10.30 7.67 -16.55
CA LEU A 251 10.27 8.83 -15.67
C LEU A 251 11.06 10.02 -16.21
N ARG A 252 12.10 9.74 -17.00
CA ARG A 252 12.91 10.81 -17.57
C ARG A 252 12.09 11.73 -18.46
N TYR A 253 10.95 11.24 -18.92
CA TYR A 253 10.09 12.02 -19.80
C TYR A 253 9.00 12.76 -19.04
N ILE A 254 8.78 12.40 -17.79
CA ILE A 254 7.76 13.06 -16.99
C ILE A 254 8.43 13.54 -15.71
N LEU A 255 9.30 14.53 -15.88
CA LEU A 255 10.08 15.10 -14.80
C LEU A 255 9.24 15.74 -13.70
N GLU A 256 7.99 16.08 -13.98
CA GLU A 256 7.16 16.70 -12.96
C GLU A 256 6.27 15.73 -12.22
N LEU A 257 6.46 14.44 -12.49
CA LEU A 257 5.69 13.38 -11.86
C LEU A 257 5.82 13.50 -10.34
N SER A 258 4.69 13.56 -9.64
CA SER A 258 4.74 13.68 -8.20
C SER A 258 4.06 12.53 -7.47
N GLU A 259 3.22 11.77 -8.17
CA GLU A 259 2.52 10.68 -7.52
C GLU A 259 2.42 9.45 -8.40
N VAL A 260 2.63 8.28 -7.82
CA VAL A 260 2.55 7.04 -8.57
C VAL A 260 1.72 6.03 -7.77
N GLU A 261 0.83 5.31 -8.45
CA GLU A 261 -0.03 4.31 -7.83
C GLU A 261 -0.04 2.99 -8.56
N PHE A 262 -0.13 1.91 -7.79
CA PHE A 262 -0.20 0.58 -8.36
C PHE A 262 -1.33 -0.09 -7.63
N ASP A 263 -2.46 -0.21 -8.30
CA ASP A 263 -3.62 -0.83 -7.71
C ASP A 263 -3.99 -2.16 -8.32
N ASP A 264 -4.24 -3.12 -7.46
CA ASP A 264 -4.65 -4.44 -7.91
C ASP A 264 -3.69 -4.98 -8.93
N CYS A 265 -2.40 -4.79 -8.69
CA CYS A 265 -1.41 -5.28 -9.62
C CYS A 265 -0.85 -6.60 -9.17
N THR A 266 -0.18 -7.27 -10.09
CA THR A 266 0.45 -8.55 -9.84
C THR A 266 1.90 -8.52 -10.26
N LEU A 267 2.79 -9.01 -9.41
CA LEU A 267 4.17 -9.01 -9.80
C LEU A 267 4.56 -10.47 -9.84
N ASN A 268 4.91 -10.95 -11.03
CA ASN A 268 5.29 -12.33 -11.21
C ASN A 268 6.77 -12.60 -11.28
N GLY A 269 7.08 -13.85 -11.61
CA GLY A 269 8.44 -14.33 -11.71
C GLY A 269 9.02 -14.61 -10.35
N LEU A 270 10.26 -15.07 -10.34
CA LEU A 270 11.02 -15.23 -9.12
C LEU A 270 11.58 -13.86 -8.73
N GLY A 271 12.57 -13.85 -7.84
CA GLY A 271 13.07 -12.58 -7.35
C GLY A 271 14.45 -12.19 -7.84
N ASP A 272 14.95 -12.87 -8.86
CA ASP A 272 16.28 -12.59 -9.36
C ASP A 272 16.25 -11.95 -10.75
N PHE A 273 17.06 -10.91 -10.93
CA PHE A 273 17.13 -10.16 -12.17
C PHE A 273 18.58 -9.75 -12.45
N ASN A 274 19.32 -9.51 -11.37
CA ASN A 274 20.77 -9.25 -11.40
C ASN A 274 21.30 -8.56 -12.66
N PRO A 275 21.03 -7.25 -12.79
CA PRO A 275 21.54 -6.48 -13.93
C PRO A 275 22.80 -5.72 -13.57
N SER A 276 23.36 -5.00 -14.54
CA SER A 276 24.44 -4.08 -14.25
C SER A 276 23.86 -2.82 -13.64
N GLU A 277 24.70 -1.97 -13.07
CA GLU A 277 24.23 -0.78 -12.36
C GLU A 277 23.72 0.28 -13.32
N SER A 278 23.88 0.03 -14.61
CA SER A 278 23.47 1.00 -15.62
C SER A 278 21.99 0.86 -15.97
N ASP A 279 21.49 -0.37 -16.06
CA ASP A 279 20.08 -0.54 -16.38
C ASP A 279 19.21 -0.32 -15.15
N VAL A 280 19.82 -0.08 -14.00
CA VAL A 280 19.01 0.11 -12.82
C VAL A 280 18.60 1.56 -12.58
N VAL A 281 17.32 1.78 -12.34
CA VAL A 281 16.84 3.12 -12.05
C VAL A 281 16.94 3.30 -10.54
N SER A 282 17.64 4.32 -10.08
CA SER A 282 17.75 4.50 -8.64
C SER A 282 17.16 5.84 -8.20
N GLU A 283 16.78 6.64 -9.17
CA GLU A 283 16.20 7.93 -8.89
C GLU A 283 14.72 7.89 -9.19
N LEU A 284 13.94 8.64 -8.43
CA LEU A 284 12.51 8.66 -8.64
C LEU A 284 12.06 10.07 -8.95
N GLY A 285 13.01 10.94 -9.28
CA GLY A 285 12.69 12.31 -9.61
C GLY A 285 12.00 13.09 -8.51
N LYS A 286 10.92 13.79 -8.85
CA LYS A 286 10.22 14.60 -7.86
C LYS A 286 9.02 13.89 -7.28
N VAL A 287 8.94 12.58 -7.47
CA VAL A 287 7.84 11.79 -6.94
C VAL A 287 7.92 11.87 -5.44
N GLU A 288 6.87 12.33 -4.79
CA GLU A 288 6.87 12.45 -3.33
C GLU A 288 5.78 11.62 -2.69
N THR A 289 4.90 11.07 -3.53
CA THR A 289 3.80 10.24 -3.08
C THR A 289 3.74 8.92 -3.85
N VAL A 290 3.74 7.82 -3.13
CA VAL A 290 3.65 6.48 -3.71
C VAL A 290 2.51 5.76 -3.04
N THR A 291 1.57 5.25 -3.82
CA THR A 291 0.41 4.59 -3.27
C THR A 291 0.19 3.22 -3.85
N ILE A 292 0.25 2.20 -2.99
CA ILE A 292 0.06 0.83 -3.43
C ILE A 292 -1.10 0.14 -2.75
N ARG A 293 -1.99 -0.44 -3.52
CA ARG A 293 -3.14 -1.16 -3.01
C ARG A 293 -3.30 -2.51 -3.66
N ARG A 294 -3.51 -3.51 -2.81
CA ARG A 294 -3.73 -4.88 -3.25
C ARG A 294 -2.69 -5.39 -4.23
N LEU A 295 -1.43 -5.37 -3.80
CA LEU A 295 -0.33 -5.85 -4.62
C LEU A 295 -0.13 -7.34 -4.36
N HIS A 296 -0.09 -8.14 -5.42
CA HIS A 296 0.12 -9.57 -5.26
C HIS A 296 1.48 -10.07 -5.68
N ILE A 297 2.24 -10.63 -4.75
CA ILE A 297 3.55 -11.18 -5.07
C ILE A 297 3.53 -12.68 -4.84
N PRO A 298 3.06 -13.45 -5.85
CA PRO A 298 2.84 -14.88 -5.67
C PRO A 298 4.10 -15.69 -5.39
N GLN A 299 5.28 -15.16 -5.69
CA GLN A 299 6.50 -15.90 -5.45
C GLN A 299 7.58 -15.04 -4.81
N PHE A 300 7.24 -14.47 -3.67
CA PHE A 300 8.18 -13.67 -2.88
C PHE A 300 9.26 -14.53 -2.24
N TYR A 301 10.06 -15.22 -3.05
CA TYR A 301 11.01 -16.17 -2.50
C TYR A 301 12.44 -15.78 -2.82
N LEU A 302 12.80 -15.93 -4.09
CA LEU A 302 14.18 -15.78 -4.53
C LEU A 302 14.67 -14.34 -4.37
N PHE A 303 13.73 -13.43 -4.15
CA PHE A 303 14.05 -12.01 -4.00
C PHE A 303 14.93 -11.78 -2.78
N TYR A 304 15.98 -10.99 -2.93
CA TYR A 304 16.93 -10.83 -1.86
C TYR A 304 17.56 -9.44 -1.74
N ASP A 305 17.72 -8.73 -2.85
CA ASP A 305 18.42 -7.44 -2.80
C ASP A 305 17.50 -6.23 -2.79
N LEU A 306 17.06 -5.86 -1.59
CA LEU A 306 16.17 -4.73 -1.41
C LEU A 306 16.73 -3.36 -1.69
N SER A 307 18.04 -3.22 -1.82
CA SER A 307 18.54 -1.87 -2.05
C SER A 307 18.16 -1.10 -3.29
N THR A 308 17.63 -1.73 -4.33
CA THR A 308 17.28 -0.86 -5.43
C THR A 308 16.11 0.01 -4.95
N VAL A 309 15.26 -0.59 -4.11
CA VAL A 309 14.11 0.11 -3.56
C VAL A 309 14.48 1.20 -2.59
N TYR A 310 15.69 1.14 -2.08
CA TYR A 310 16.19 2.12 -1.13
C TYR A 310 16.41 3.47 -1.78
N SER A 311 16.96 3.47 -2.99
CA SER A 311 17.18 4.73 -3.66
C SER A 311 15.89 5.21 -4.32
N LEU A 312 14.96 4.30 -4.54
CA LEU A 312 13.71 4.68 -5.17
C LEU A 312 12.84 5.49 -4.23
N LEU A 313 12.81 5.06 -2.96
CA LEU A 313 11.95 5.68 -1.96
C LEU A 313 12.72 6.60 -1.02
N GLU A 314 13.94 6.93 -1.38
CA GLU A 314 14.78 7.79 -0.55
C GLU A 314 14.15 9.14 -0.26
N LYS A 315 13.75 9.85 -1.31
CA LYS A 315 13.26 11.22 -1.15
C LYS A 315 11.74 11.31 -1.14
N VAL A 316 11.08 10.20 -0.82
CA VAL A 316 9.63 10.14 -0.84
C VAL A 316 9.03 10.53 0.51
N LYS A 317 8.01 11.38 0.48
CA LYS A 317 7.36 11.88 1.68
C LYS A 317 6.08 11.16 2.08
N ARG A 318 5.39 10.54 1.12
CA ARG A 318 4.14 9.87 1.42
C ARG A 318 4.09 8.50 0.79
N ILE A 319 3.77 7.50 1.60
CA ILE A 319 3.68 6.12 1.15
C ILE A 319 2.42 5.45 1.66
N THR A 320 1.71 4.76 0.78
CA THR A 320 0.52 4.02 1.15
C THR A 320 0.62 2.60 0.64
N VAL A 321 0.43 1.62 1.53
CA VAL A 321 0.42 0.23 1.11
C VAL A 321 -0.77 -0.44 1.77
N GLU A 322 -1.89 -0.45 1.07
CA GLU A 322 -3.14 -0.98 1.59
C GLU A 322 -3.49 -2.37 1.10
N ASN A 323 -4.03 -3.17 2.01
CA ASN A 323 -4.49 -4.52 1.73
C ASN A 323 -3.56 -5.32 0.84
N SER A 324 -2.29 -5.39 1.24
CA SER A 324 -1.27 -6.11 0.50
C SER A 324 -0.48 -7.11 1.35
N LYS A 325 -1.10 -7.63 2.40
CA LYS A 325 -0.51 -8.63 3.30
C LYS A 325 0.82 -8.23 3.91
N VAL A 326 0.99 -6.96 4.25
CA VAL A 326 2.23 -6.53 4.85
C VAL A 326 2.27 -6.90 6.32
N PHE A 327 3.35 -7.56 6.74
CA PHE A 327 3.48 -7.93 8.13
C PHE A 327 4.76 -7.40 8.71
N LEU A 328 5.57 -6.80 7.86
CA LEU A 328 6.84 -6.28 8.32
C LEU A 328 7.48 -5.30 7.37
N VAL A 329 8.02 -4.23 7.96
CA VAL A 329 8.77 -3.21 7.25
C VAL A 329 10.13 -3.33 7.93
N PRO A 330 11.07 -4.05 7.32
CA PRO A 330 12.38 -4.25 7.95
C PRO A 330 13.01 -2.98 8.47
N CYS A 331 13.56 -3.10 9.67
CA CYS A 331 14.22 -2.00 10.36
C CYS A 331 15.17 -1.22 9.48
N SER A 332 16.10 -1.93 8.84
CA SER A 332 17.08 -1.28 7.97
C SER A 332 16.40 -0.53 6.83
N PHE A 333 15.28 -1.08 6.38
CA PHE A 333 14.51 -0.46 5.31
C PHE A 333 13.85 0.77 5.87
N SER A 334 13.26 0.65 7.05
CA SER A 334 12.58 1.77 7.68
C SER A 334 13.53 2.94 7.96
N GLN A 335 14.78 2.63 8.28
CA GLN A 335 15.78 3.65 8.57
C GLN A 335 16.20 4.43 7.33
N HIS A 336 15.99 3.82 6.17
CA HIS A 336 16.37 4.49 4.93
C HIS A 336 15.32 5.48 4.43
N LEU A 337 14.12 5.42 4.95
CA LEU A 337 13.07 6.33 4.53
C LEU A 337 13.16 7.61 5.34
N LYS A 338 14.25 8.35 5.17
CA LYS A 338 14.51 9.56 5.93
C LYS A 338 13.57 10.72 5.66
N SER A 339 12.96 10.75 4.49
CA SER A 339 12.08 11.87 4.18
C SER A 339 10.59 11.59 4.37
N LEU A 340 10.25 10.35 4.68
CA LEU A 340 8.85 9.95 4.84
C LEU A 340 8.11 10.71 5.93
N GLU A 341 6.97 11.30 5.57
CA GLU A 341 6.16 12.05 6.52
C GLU A 341 4.80 11.40 6.78
N PHE A 342 4.33 10.62 5.81
CA PHE A 342 3.03 9.97 5.95
C PHE A 342 3.17 8.53 5.53
N LEU A 343 2.70 7.62 6.37
CA LEU A 343 2.78 6.19 6.08
C LEU A 343 1.47 5.51 6.44
N ASP A 344 0.85 4.88 5.46
CA ASP A 344 -0.43 4.21 5.65
C ASP A 344 -0.31 2.73 5.37
N LEU A 345 -0.48 1.92 6.41
CA LEU A 345 -0.42 0.48 6.26
C LEU A 345 -1.74 -0.21 6.61
N SER A 346 -2.86 0.44 6.28
CA SER A 346 -4.18 -0.11 6.55
C SER A 346 -4.43 -1.48 5.95
N GLU A 347 -5.22 -2.28 6.66
CA GLU A 347 -5.64 -3.60 6.22
C GLU A 347 -4.48 -4.54 5.91
N ASN A 348 -3.52 -4.61 6.83
CA ASN A 348 -2.39 -5.49 6.65
C ASN A 348 -2.28 -6.47 7.81
N LEU A 349 -1.08 -7.01 8.04
CA LEU A 349 -0.91 -8.02 9.07
C LEU A 349 0.03 -7.61 10.19
N MET A 350 0.10 -6.32 10.48
CA MET A 350 1.01 -5.88 11.52
C MET A 350 0.62 -6.28 12.93
N VAL A 351 1.60 -6.81 13.64
CA VAL A 351 1.44 -7.16 15.03
C VAL A 351 2.61 -6.55 15.79
N GLU A 352 2.41 -6.30 17.07
CA GLU A 352 3.40 -5.69 17.93
C GLU A 352 4.79 -6.30 17.75
N GLU A 353 4.86 -7.63 17.77
CA GLU A 353 6.13 -8.33 17.67
C GLU A 353 6.94 -7.91 16.43
N TYR A 354 6.28 -7.73 15.29
CA TYR A 354 6.93 -7.29 14.05
C TYR A 354 7.04 -5.77 13.96
N LEU A 355 6.08 -5.09 14.54
CA LEU A 355 6.06 -3.64 14.57
C LEU A 355 7.25 -3.09 15.33
N LYS A 356 7.74 -3.85 16.30
CA LYS A 356 8.87 -3.41 17.10
C LYS A 356 10.12 -3.29 16.25
N ASN A 357 10.23 -4.14 15.24
CA ASN A 357 11.37 -4.07 14.35
C ASN A 357 11.15 -2.98 13.31
N SER A 358 9.93 -2.86 12.83
CA SER A 358 9.64 -1.86 11.83
C SER A 358 9.83 -0.45 12.36
N ALA A 359 9.43 -0.22 13.61
CA ALA A 359 9.60 1.11 14.18
C ALA A 359 10.75 1.03 15.16
N CYS A 360 11.86 0.51 14.68
CA CYS A 360 13.07 0.36 15.48
C CYS A 360 13.70 1.71 15.75
N LYS A 361 14.82 1.68 16.48
CA LYS A 361 15.49 2.90 16.86
C LYS A 361 16.10 3.57 15.64
N GLY A 362 15.39 4.53 15.08
CA GLY A 362 15.90 5.27 13.95
C GLY A 362 15.01 5.17 12.72
N ALA A 363 13.92 4.42 12.86
CA ALA A 363 13.00 4.21 11.76
C ALA A 363 12.19 5.47 11.50
N TRP A 364 11.77 5.66 10.25
CA TRP A 364 10.94 6.79 9.81
C TRP A 364 11.13 8.08 10.63
N PRO A 365 12.36 8.60 10.64
CA PRO A 365 12.74 9.80 11.39
C PRO A 365 11.79 10.98 11.28
N SER A 366 11.41 11.30 10.06
CA SER A 366 10.54 12.45 9.81
C SER A 366 9.04 12.16 9.83
N LEU A 367 8.65 10.92 10.14
CA LEU A 367 7.23 10.54 10.10
C LEU A 367 6.35 11.39 10.99
N GLN A 368 5.26 11.91 10.42
CA GLN A 368 4.33 12.72 11.19
C GLN A 368 3.01 12.03 11.39
N THR A 369 2.58 11.28 10.39
CA THR A 369 1.30 10.60 10.44
C THR A 369 1.46 9.14 10.12
N LEU A 370 0.95 8.27 10.99
CA LEU A 370 1.02 6.84 10.81
C LEU A 370 -0.35 6.21 10.95
N VAL A 371 -0.76 5.49 9.91
CA VAL A 371 -2.04 4.81 9.90
C VAL A 371 -1.88 3.31 9.92
N LEU A 372 -2.35 2.68 10.99
CA LEU A 372 -2.27 1.23 11.14
C LEU A 372 -3.65 0.64 11.36
N SER A 373 -4.65 1.20 10.67
CA SER A 373 -6.02 0.74 10.81
C SER A 373 -6.22 -0.65 10.22
N GLN A 374 -7.13 -1.40 10.84
CA GLN A 374 -7.45 -2.77 10.44
C GLN A 374 -6.23 -3.66 10.23
N ASN A 375 -5.40 -3.77 11.26
CA ASN A 375 -4.31 -4.73 11.27
C ASN A 375 -4.58 -5.82 12.29
N HIS A 376 -3.54 -6.42 12.83
CA HIS A 376 -3.71 -7.48 13.81
C HIS A 376 -3.12 -7.08 15.15
N LEU A 377 -3.16 -5.79 15.44
CA LEU A 377 -2.64 -5.30 16.71
C LEU A 377 -3.57 -5.73 17.81
N ARG A 378 -3.03 -6.05 18.98
CA ARG A 378 -3.84 -6.52 20.09
C ARG A 378 -3.65 -5.69 21.35
N SER A 379 -2.52 -5.02 21.47
CA SER A 379 -2.23 -4.25 22.67
C SER A 379 -1.88 -2.79 22.52
N MET A 380 -2.70 -1.91 23.10
CA MET A 380 -2.42 -0.49 23.05
C MET A 380 -1.18 -0.11 23.85
N GLN A 381 -1.00 -0.74 25.01
CA GLN A 381 0.17 -0.43 25.85
C GLN A 381 1.51 -0.74 25.20
N LYS A 382 1.62 -1.92 24.64
CA LYS A 382 2.86 -2.35 24.00
C LYS A 382 3.11 -1.51 22.75
N THR A 383 2.04 -1.19 22.04
CA THR A 383 2.11 -0.41 20.80
C THR A 383 2.63 1.01 21.00
N GLY A 384 2.11 1.70 21.99
CA GLY A 384 2.54 3.06 22.26
C GLY A 384 4.02 3.03 22.59
N GLU A 385 4.41 2.06 23.39
CA GLU A 385 5.80 1.90 23.78
C GLU A 385 6.67 1.68 22.55
N ILE A 386 6.19 0.84 21.65
CA ILE A 386 6.93 0.55 20.43
C ILE A 386 7.09 1.78 19.55
N LEU A 387 6.06 2.61 19.47
CA LEU A 387 6.12 3.79 18.62
C LEU A 387 6.88 4.95 19.24
N LEU A 388 7.38 4.77 20.45
CA LEU A 388 8.15 5.83 21.10
C LEU A 388 9.39 6.23 20.32
N THR A 389 9.79 5.39 19.38
CA THR A 389 10.94 5.63 18.53
C THR A 389 10.67 6.76 17.54
N LEU A 390 9.40 7.04 17.31
CA LEU A 390 8.99 8.07 16.38
C LEU A 390 8.79 9.42 17.07
N LYS A 391 9.86 10.19 17.18
CA LYS A 391 9.84 11.47 17.88
C LYS A 391 8.98 12.55 17.22
N ASN A 392 8.76 12.47 15.91
CA ASN A 392 7.93 13.49 15.25
C ASN A 392 6.51 13.06 14.93
N LEU A 393 6.10 11.88 15.38
CA LEU A 393 4.75 11.42 15.10
C LEU A 393 3.74 12.34 15.76
N THR A 394 2.79 12.85 14.99
CA THR A 394 1.77 13.74 15.55
C THR A 394 0.36 13.19 15.43
N SER A 395 0.16 12.22 14.55
CA SER A 395 -1.17 11.63 14.34
C SER A 395 -1.09 10.12 14.26
N LEU A 396 -1.97 9.43 14.99
CA LEU A 396 -1.97 7.98 14.93
C LEU A 396 -3.36 7.39 14.78
N ASP A 397 -3.52 6.52 13.80
CA ASP A 397 -4.79 5.84 13.54
C ASP A 397 -4.62 4.36 13.73
N ILE A 398 -5.20 3.82 14.78
CA ILE A 398 -5.13 2.38 15.05
C ILE A 398 -6.54 1.80 15.12
N SER A 399 -7.45 2.43 14.40
CA SER A 399 -8.83 2.01 14.35
C SER A 399 -8.94 0.64 13.72
N ARG A 400 -10.08 -0.01 13.92
CA ARG A 400 -10.35 -1.32 13.36
C ARG A 400 -9.34 -2.37 13.78
N ASN A 401 -8.79 -2.22 14.98
CA ASN A 401 -7.90 -3.21 15.54
C ASN A 401 -8.59 -3.75 16.78
N THR A 402 -8.51 -5.06 17.01
CA THR A 402 -9.16 -5.64 18.17
C THR A 402 -8.26 -5.57 19.40
N PHE A 403 -8.40 -4.51 20.17
CA PHE A 403 -7.57 -4.34 21.36
C PHE A 403 -8.14 -4.95 22.60
N HIS A 404 -7.24 -5.44 23.45
CA HIS A 404 -7.61 -5.97 24.73
C HIS A 404 -7.85 -4.73 25.57
N PRO A 405 -8.48 -4.88 26.76
CA PRO A 405 -8.71 -3.69 27.57
C PRO A 405 -7.41 -2.94 27.84
N MET A 406 -7.48 -1.62 27.79
CA MET A 406 -6.31 -0.79 28.02
C MET A 406 -6.03 -0.65 29.51
N PRO A 407 -4.75 -0.43 29.84
CA PRO A 407 -4.34 -0.27 31.24
C PRO A 407 -4.43 1.17 31.70
N ASP A 408 -4.02 1.42 32.94
CA ASP A 408 -4.05 2.75 33.51
C ASP A 408 -2.84 3.58 33.08
N SER A 409 -1.77 2.91 32.69
CA SER A 409 -0.55 3.62 32.31
C SER A 409 -0.04 3.25 30.94
N CYS A 410 0.21 4.28 30.13
CA CYS A 410 0.73 4.05 28.78
C CYS A 410 1.69 5.16 28.36
N GLN A 411 2.63 4.80 27.50
CA GLN A 411 3.60 5.74 26.97
C GLN A 411 3.29 6.00 25.51
N TRP A 412 3.25 7.26 25.10
CA TRP A 412 3.01 7.59 23.70
C TRP A 412 3.96 8.68 23.24
N PRO A 413 4.11 8.85 21.91
CA PRO A 413 4.97 9.90 21.37
C PRO A 413 4.58 11.25 21.95
N GLU A 414 5.56 12.03 22.38
CA GLU A 414 5.30 13.30 23.02
C GLU A 414 4.49 14.27 22.17
N LYS A 415 4.66 14.24 20.86
CA LYS A 415 3.92 15.19 20.05
C LYS A 415 2.58 14.66 19.56
N MET A 416 2.21 13.44 19.94
CA MET A 416 0.96 12.90 19.44
C MET A 416 -0.24 13.73 19.92
N ARG A 417 -0.94 14.34 18.96
CA ARG A 417 -2.10 15.18 19.26
C ARG A 417 -3.39 14.65 18.65
N PHE A 418 -3.25 13.63 17.79
CA PHE A 418 -4.39 13.03 17.11
C PHE A 418 -4.38 11.52 17.29
N LEU A 419 -5.49 10.96 17.77
CA LEU A 419 -5.61 9.52 17.98
C LEU A 419 -6.96 8.91 17.57
N ASN A 420 -6.93 7.95 16.66
CA ASN A 420 -8.16 7.30 16.20
C ASN A 420 -8.27 5.92 16.83
N LEU A 421 -9.26 5.73 17.68
CA LEU A 421 -9.50 4.45 18.34
C LEU A 421 -10.88 3.92 17.98
N SER A 422 -11.37 4.34 16.82
CA SER A 422 -12.67 3.93 16.35
C SER A 422 -12.68 2.43 16.09
N SER A 423 -13.80 1.80 16.39
CA SER A 423 -13.97 0.37 16.16
C SER A 423 -12.87 -0.50 16.73
N THR A 424 -12.58 -0.36 18.02
CA THR A 424 -11.56 -1.19 18.62
C THR A 424 -12.22 -2.07 19.67
N GLY A 425 -13.54 -1.95 19.77
CA GLY A 425 -14.30 -2.74 20.72
C GLY A 425 -14.08 -2.42 22.18
N ILE A 426 -13.55 -1.25 22.49
CA ILE A 426 -13.29 -0.91 23.88
C ILE A 426 -14.57 -0.56 24.64
N ARG A 427 -14.61 -0.94 25.91
CA ARG A 427 -15.75 -0.70 26.78
C ARG A 427 -15.51 0.43 27.74
N VAL A 428 -14.24 0.74 27.99
CA VAL A 428 -13.87 1.81 28.92
C VAL A 428 -12.61 2.51 28.41
N VAL A 429 -12.50 3.80 28.72
CA VAL A 429 -11.33 4.58 28.37
C VAL A 429 -10.59 4.86 29.67
N LYS A 430 -9.28 4.62 29.68
CA LYS A 430 -8.51 4.84 30.89
C LYS A 430 -7.39 5.84 30.65
N THR A 431 -6.66 6.17 31.71
CA THR A 431 -5.57 7.14 31.62
C THR A 431 -4.40 6.74 30.73
N CYS A 432 -4.57 5.65 29.98
CA CYS A 432 -3.57 5.22 29.02
C CYS A 432 -3.43 6.29 27.96
N ILE A 433 -4.56 6.90 27.63
CA ILE A 433 -4.65 7.97 26.65
C ILE A 433 -3.99 9.23 27.20
N PRO A 434 -3.00 9.76 26.46
CA PRO A 434 -2.27 10.95 26.91
C PRO A 434 -3.05 12.24 26.86
N GLN A 435 -2.70 13.15 27.76
CA GLN A 435 -3.35 14.45 27.86
C GLN A 435 -2.81 15.41 26.80
N THR A 436 -1.93 14.91 25.95
CA THR A 436 -1.36 15.73 24.90
C THR A 436 -2.29 15.74 23.69
N LEU A 437 -3.32 14.91 23.72
CA LEU A 437 -4.27 14.78 22.62
C LEU A 437 -5.13 16.01 22.35
N GLU A 438 -5.25 16.35 21.07
CA GLU A 438 -6.09 17.46 20.63
C GLU A 438 -7.30 16.95 19.87
N VAL A 439 -7.16 15.77 19.28
CA VAL A 439 -8.25 15.14 18.54
C VAL A 439 -8.33 13.66 18.90
N LEU A 440 -9.51 13.22 19.31
CA LEU A 440 -9.74 11.83 19.69
C LEU A 440 -10.98 11.25 19.07
N ASP A 441 -10.83 10.10 18.43
CA ASP A 441 -11.96 9.43 17.81
C ASP A 441 -12.10 8.09 18.50
N VAL A 442 -13.18 7.92 19.26
CA VAL A 442 -13.47 6.66 19.94
C VAL A 442 -14.84 6.16 19.57
N SER A 443 -15.23 6.42 18.32
CA SER A 443 -16.52 6.04 17.79
C SER A 443 -16.60 4.56 17.44
N ASN A 444 -17.83 4.08 17.31
CA ASN A 444 -18.10 2.69 16.97
C ASN A 444 -17.45 1.72 17.91
N ASN A 445 -17.66 1.96 19.20
CA ASN A 445 -17.14 1.09 20.24
C ASN A 445 -18.26 0.67 21.18
N ASN A 446 -17.89 0.28 22.40
CA ASN A 446 -18.86 -0.15 23.38
C ASN A 446 -18.77 0.67 24.66
N LEU A 447 -18.60 1.98 24.52
CA LEU A 447 -18.48 2.83 25.70
C LEU A 447 -19.82 3.15 26.33
N ASP A 448 -19.88 3.08 27.65
CA ASP A 448 -21.09 3.41 28.39
C ASP A 448 -20.94 4.79 29.01
N SER A 449 -19.70 5.27 29.06
CA SER A 449 -19.42 6.59 29.62
C SER A 449 -18.04 7.07 29.21
N PHE A 450 -17.76 8.33 29.50
CA PHE A 450 -16.46 8.90 29.19
C PHE A 450 -16.11 9.84 30.34
N SER A 451 -15.04 9.53 31.06
CA SER A 451 -14.63 10.32 32.21
C SER A 451 -13.16 10.72 32.18
N LEU A 452 -12.57 10.68 31.00
CA LEU A 452 -11.16 10.99 30.83
C LEU A 452 -10.92 12.49 30.72
N PHE A 453 -10.06 13.01 31.59
CA PHE A 453 -9.73 14.43 31.58
C PHE A 453 -8.66 14.73 30.53
N LEU A 454 -9.05 15.46 29.49
CA LEU A 454 -8.14 15.83 28.41
C LEU A 454 -8.11 17.35 28.23
N PRO A 455 -7.29 18.02 29.04
CA PRO A 455 -7.16 19.48 29.03
C PRO A 455 -6.91 20.14 27.68
N ARG A 456 -6.33 19.45 26.69
CA ARG A 456 -6.09 20.11 25.41
C ARG A 456 -7.05 19.68 24.31
N LEU A 457 -7.97 18.78 24.62
CA LEU A 457 -8.89 18.28 23.60
C LEU A 457 -9.75 19.33 22.91
N GLN A 458 -9.68 19.35 21.59
CA GLN A 458 -10.49 20.27 20.79
C GLN A 458 -11.63 19.58 20.05
N GLU A 459 -11.45 18.30 19.73
CA GLU A 459 -12.45 17.56 18.99
C GLU A 459 -12.60 16.13 19.49
N LEU A 460 -13.83 15.74 19.80
CA LEU A 460 -14.12 14.40 20.26
C LEU A 460 -15.16 13.70 19.40
N TYR A 461 -14.81 12.53 18.89
CA TYR A 461 -15.74 11.77 18.07
C TYR A 461 -16.05 10.50 18.81
N ILE A 462 -17.29 10.36 19.23
CA ILE A 462 -17.72 9.21 20.01
C ILE A 462 -19.09 8.69 19.56
N SER A 463 -19.39 8.85 18.28
CA SER A 463 -20.67 8.38 17.75
C SER A 463 -20.71 6.85 17.74
N ARG A 464 -21.92 6.29 17.74
CA ARG A 464 -22.11 4.85 17.71
C ARG A 464 -21.46 4.20 18.92
N ASN A 465 -21.91 4.63 20.11
CA ASN A 465 -21.45 4.09 21.38
C ASN A 465 -22.68 3.96 22.25
N LYS A 466 -22.52 3.79 23.56
CA LYS A 466 -23.70 3.65 24.40
C LYS A 466 -23.83 4.72 25.49
N LEU A 467 -23.38 5.94 25.20
CA LEU A 467 -23.48 7.04 26.16
C LEU A 467 -24.93 7.45 26.30
N LYS A 468 -25.41 7.60 27.52
CA LYS A 468 -26.79 8.01 27.73
C LYS A 468 -26.84 9.45 28.19
N THR A 469 -25.66 10.00 28.47
CA THR A 469 -25.50 11.36 28.93
C THR A 469 -24.33 12.05 28.24
N LEU A 470 -24.53 13.28 27.78
CA LEU A 470 -23.44 13.98 27.13
C LEU A 470 -22.41 14.15 28.23
N PRO A 471 -21.12 13.91 27.92
CA PRO A 471 -20.03 14.01 28.89
C PRO A 471 -19.79 15.39 29.48
N ASP A 472 -19.35 15.37 30.74
CA ASP A 472 -19.06 16.57 31.52
C ASP A 472 -18.15 17.54 30.81
N ALA A 473 -18.57 18.80 30.79
CA ALA A 473 -17.81 19.87 30.16
C ALA A 473 -16.43 20.08 30.77
N SER A 474 -16.32 19.85 32.08
CA SER A 474 -15.04 20.07 32.74
C SER A 474 -13.94 19.11 32.32
N LEU A 475 -14.30 18.06 31.60
CA LEU A 475 -13.30 17.12 31.14
C LEU A 475 -12.58 17.74 29.94
N PHE A 476 -13.27 18.69 29.33
CA PHE A 476 -12.78 19.38 28.14
C PHE A 476 -13.00 20.88 28.21
N PRO A 477 -12.16 21.59 28.96
CA PRO A 477 -12.33 23.04 29.06
C PRO A 477 -12.17 23.79 27.73
N VAL A 478 -11.56 23.17 26.72
CA VAL A 478 -11.41 23.83 25.43
C VAL A 478 -11.94 23.09 24.21
N LEU A 479 -12.90 22.20 24.39
CA LEU A 479 -13.46 21.43 23.27
C LEU A 479 -14.17 22.30 22.25
N LEU A 480 -13.87 22.08 20.97
CA LEU A 480 -14.53 22.84 19.91
C LEU A 480 -15.57 22.03 19.15
N VAL A 481 -15.33 20.74 18.98
CA VAL A 481 -16.26 19.91 18.22
C VAL A 481 -16.57 18.58 18.87
N MET A 482 -17.85 18.25 19.00
CA MET A 482 -18.23 16.96 19.55
C MET A 482 -19.27 16.27 18.68
N LYS A 483 -18.98 15.07 18.23
CA LYS A 483 -19.91 14.31 17.42
C LYS A 483 -20.34 13.07 18.19
N ILE A 484 -21.62 13.02 18.55
CA ILE A 484 -22.16 11.91 19.31
C ILE A 484 -23.53 11.48 18.81
N ARG A 485 -23.57 11.14 17.53
CA ARG A 485 -24.77 10.57 16.93
C ARG A 485 -24.95 9.15 17.42
N GLU A 486 -25.82 8.41 16.73
CA GLU A 486 -26.11 6.99 16.98
C GLU A 486 -25.68 6.44 18.33
N ASN A 487 -25.94 7.19 19.40
CA ASN A 487 -25.64 6.74 20.75
C ASN A 487 -26.90 6.43 21.54
N ALA A 488 -27.04 7.06 22.70
CA ALA A 488 -28.18 6.77 23.56
C ALA A 488 -28.53 7.94 24.46
N VAL A 489 -28.29 9.16 23.99
CA VAL A 489 -28.78 10.33 24.72
C VAL A 489 -30.20 10.60 24.29
N SER A 490 -30.98 11.22 25.17
CA SER A 490 -32.39 11.49 24.87
C SER A 490 -32.77 12.92 25.23
N THR A 491 -32.12 13.48 26.25
CA THR A 491 -32.34 14.86 26.62
C THR A 491 -31.06 15.67 26.48
N PHE A 492 -31.19 16.99 26.42
CA PHE A 492 -30.04 17.87 26.44
C PHE A 492 -30.43 19.23 26.98
N SER A 493 -30.38 19.37 28.30
CA SER A 493 -30.78 20.59 28.97
C SER A 493 -29.88 21.76 28.61
N LYS A 494 -30.38 22.98 28.86
CA LYS A 494 -29.62 24.19 28.57
C LYS A 494 -28.35 24.27 29.39
N ASP A 495 -28.41 23.73 30.61
CA ASP A 495 -27.30 23.81 31.55
C ASP A 495 -26.03 23.15 31.00
N GLN A 496 -26.15 21.89 30.62
CA GLN A 496 -25.03 21.15 30.06
C GLN A 496 -24.59 21.77 28.75
N LEU A 497 -25.54 22.30 28.00
CA LEU A 497 -25.24 22.92 26.72
C LEU A 497 -24.32 24.12 26.90
N GLY A 498 -24.71 25.01 27.82
CA GLY A 498 -23.91 26.19 28.09
C GLY A 498 -22.71 25.87 28.95
N SER A 499 -22.61 24.63 29.40
CA SER A 499 -21.52 24.23 30.27
C SER A 499 -20.17 24.26 29.55
N PHE A 500 -20.10 23.76 28.32
CA PHE A 500 -18.90 23.87 27.52
C PHE A 500 -18.66 25.32 27.15
N PRO A 501 -17.57 25.91 27.64
CA PRO A 501 -17.33 27.34 27.43
C PRO A 501 -16.93 27.68 26.00
N LYS A 502 -16.25 26.75 25.34
CA LYS A 502 -15.65 27.03 24.05
C LYS A 502 -16.31 26.26 22.91
N LEU A 503 -17.28 25.42 23.24
CA LEU A 503 -17.94 24.57 22.25
C LEU A 503 -18.46 25.36 21.06
N GLU A 504 -18.43 24.74 19.89
CA GLU A 504 -18.88 25.38 18.65
C GLU A 504 -19.81 24.47 17.86
N THR A 505 -19.47 23.20 17.79
CA THR A 505 -20.19 22.28 16.92
C THR A 505 -20.57 20.99 17.64
N LEU A 506 -21.84 20.60 17.55
CA LEU A 506 -22.30 19.39 18.20
C LEU A 506 -23.14 18.53 17.26
N GLU A 507 -22.91 17.23 17.27
CA GLU A 507 -23.69 16.31 16.44
C GLU A 507 -24.43 15.27 17.28
N ALA A 508 -25.63 15.63 17.74
CA ALA A 508 -26.40 14.71 18.56
C ALA A 508 -27.46 13.98 17.74
N GLY A 509 -27.51 14.27 16.45
CA GLY A 509 -28.54 13.73 15.58
C GLY A 509 -28.62 12.22 15.50
N ASP A 510 -29.63 11.73 14.80
CA ASP A 510 -29.85 10.30 14.59
C ASP A 510 -29.89 9.52 15.90
N ASN A 511 -30.30 10.19 16.96
CA ASN A 511 -30.41 9.58 18.27
C ASN A 511 -31.84 9.23 18.61
N HIS A 512 -32.03 8.55 19.74
CA HIS A 512 -33.36 8.26 20.24
C HIS A 512 -33.69 9.17 21.42
N PHE A 513 -34.60 10.10 21.21
CA PHE A 513 -34.91 11.09 22.23
C PHE A 513 -36.22 10.82 22.94
N VAL A 514 -36.36 11.39 24.13
CA VAL A 514 -37.63 11.43 24.83
C VAL A 514 -38.26 12.79 24.59
N CYS A 515 -39.53 12.81 24.23
CA CYS A 515 -40.19 14.04 23.84
C CYS A 515 -41.06 14.60 24.96
N SER A 516 -40.50 15.54 25.73
CA SER A 516 -41.18 16.11 26.88
C SER A 516 -41.25 17.63 26.81
N CYS A 517 -42.28 18.21 27.42
CA CYS A 517 -42.45 19.65 27.46
C CYS A 517 -41.24 20.34 28.10
N GLU A 518 -40.64 19.65 29.06
CA GLU A 518 -39.46 20.15 29.77
C GLU A 518 -38.29 20.35 28.80
N LEU A 519 -38.40 19.74 27.64
CA LEU A 519 -37.38 19.85 26.61
C LEU A 519 -37.84 20.77 25.47
N LEU A 520 -39.09 20.58 25.04
CA LEU A 520 -39.66 21.33 23.94
C LEU A 520 -39.71 22.83 24.23
N SER A 521 -40.03 23.17 25.48
CA SER A 521 -40.01 24.57 25.91
C SER A 521 -38.64 25.17 25.65
N PHE A 522 -37.61 24.39 25.96
CA PHE A 522 -36.23 24.80 25.70
C PHE A 522 -35.95 24.90 24.20
N THR A 523 -36.60 24.04 23.41
CA THR A 523 -36.41 24.10 21.96
C THR A 523 -36.95 25.40 21.38
N MET A 524 -38.12 25.82 21.85
CA MET A 524 -38.71 27.05 21.33
C MET A 524 -38.00 28.29 21.90
N GLU A 525 -37.55 28.20 23.15
CA GLU A 525 -37.00 29.37 23.83
C GLU A 525 -35.72 29.88 23.19
N THR A 526 -34.91 28.97 22.66
CA THR A 526 -33.67 29.36 22.02
C THR A 526 -33.37 28.52 20.79
N PRO A 527 -34.01 28.84 19.66
CA PRO A 527 -33.63 28.23 18.38
C PRO A 527 -32.29 28.79 17.90
N ALA A 528 -31.72 29.72 18.67
CA ALA A 528 -30.43 30.31 18.37
C ALA A 528 -29.30 29.29 18.51
N LEU A 529 -29.64 28.12 19.03
CA LEU A 529 -28.68 27.04 19.15
C LEU A 529 -28.71 26.15 17.90
N ALA A 530 -29.53 26.52 16.93
CA ALA A 530 -29.54 25.82 15.65
C ALA A 530 -28.22 26.05 14.93
N GLN A 531 -27.45 27.02 15.42
CA GLN A 531 -26.12 27.30 14.91
C GLN A 531 -25.05 26.66 15.78
N ILE A 532 -25.42 25.60 16.49
CA ILE A 532 -24.45 24.81 17.23
C ILE A 532 -24.69 23.34 16.94
N LEU A 533 -25.84 23.05 16.34
CA LEU A 533 -26.19 21.69 15.97
C LEU A 533 -26.21 21.54 14.46
N VAL A 534 -25.50 20.54 13.95
CA VAL A 534 -25.52 20.28 12.52
C VAL A 534 -26.66 19.32 12.20
N ASP A 535 -27.10 19.35 10.96
CA ASP A 535 -28.22 18.52 10.50
C ASP A 535 -29.44 18.69 11.39
N TRP A 536 -29.72 19.94 11.75
CA TRP A 536 -30.88 20.26 12.56
C TRP A 536 -31.90 21.01 11.72
N PRO A 537 -33.17 20.57 11.77
CA PRO A 537 -33.63 19.46 12.60
C PRO A 537 -33.85 18.16 11.85
N ASP A 538 -33.14 17.95 10.74
CA ASP A 538 -33.33 16.76 9.91
C ASP A 538 -33.17 15.44 10.66
N SER A 539 -32.11 15.33 11.46
CA SER A 539 -31.75 14.05 12.06
C SER A 539 -32.17 13.92 13.52
N TYR A 540 -32.87 14.92 14.03
CA TYR A 540 -33.27 14.93 15.43
C TYR A 540 -34.73 14.52 15.59
N LEU A 541 -35.01 13.24 15.33
CA LEU A 541 -36.35 12.69 15.44
C LEU A 541 -36.60 12.08 16.80
N CYS A 542 -37.87 12.03 17.19
CA CYS A 542 -38.23 11.49 18.49
C CYS A 542 -38.45 10.00 18.44
N ASP A 543 -38.57 9.40 19.61
CA ASP A 543 -38.78 7.96 19.73
C ASP A 543 -40.01 7.67 20.58
N SER A 544 -40.15 8.40 21.69
CA SER A 544 -41.27 8.20 22.60
C SER A 544 -42.03 9.51 22.82
N PRO A 545 -43.37 9.43 22.93
CA PRO A 545 -44.18 8.21 22.83
C PRO A 545 -44.44 7.79 21.39
N PRO A 546 -45.24 6.74 21.18
CA PRO A 546 -45.56 6.20 19.85
C PRO A 546 -46.20 7.26 18.95
N ARG A 547 -46.86 8.24 19.55
CA ARG A 547 -47.48 9.32 18.80
C ARG A 547 -46.43 10.17 18.10
N LEU A 548 -45.46 10.65 18.87
CA LEU A 548 -44.41 11.51 18.33
C LEU A 548 -43.27 10.69 17.73
N HIS A 549 -43.39 9.37 17.78
CA HIS A 549 -42.36 8.47 17.27
C HIS A 549 -42.06 8.76 15.81
N GLY A 550 -40.78 8.97 15.50
CA GLY A 550 -40.35 9.22 14.15
C GLY A 550 -40.79 10.57 13.62
N HIS A 551 -40.91 11.55 14.52
CA HIS A 551 -41.33 12.89 14.13
C HIS A 551 -40.28 13.92 14.50
N ARG A 552 -39.95 14.80 13.57
CA ARG A 552 -38.93 15.81 13.78
C ARG A 552 -39.37 16.84 14.81
N LEU A 553 -38.47 17.77 15.13
CA LEU A 553 -38.78 18.81 16.11
C LEU A 553 -39.16 20.12 15.42
N LYS B 6 43.74 -32.82 -4.12
CA LYS B 6 42.82 -33.76 -3.50
C LYS B 6 41.92 -33.06 -2.49
N TYR B 7 42.46 -32.01 -1.87
CA TYR B 7 41.76 -31.28 -0.82
C TYR B 7 41.30 -29.93 -1.34
N GLU B 8 41.06 -29.87 -2.64
CA GLU B 8 40.75 -28.63 -3.34
C GLU B 8 39.38 -28.10 -2.92
N ASP B 9 38.43 -29.01 -2.74
CA ASP B 9 37.08 -28.65 -2.32
C ASP B 9 37.06 -28.03 -0.93
N LEU B 10 37.77 -28.65 -0.01
CA LEU B 10 37.85 -28.13 1.34
C LEU B 10 38.52 -26.76 1.37
N ARG B 11 39.61 -26.61 0.62
CA ARG B 11 40.29 -25.31 0.58
C ARG B 11 39.42 -24.23 -0.02
N ALA B 12 38.70 -24.55 -1.08
CA ALA B 12 37.78 -23.59 -1.68
C ALA B 12 36.69 -23.18 -0.71
N TYR B 13 36.09 -24.16 -0.03
CA TYR B 13 35.02 -23.86 0.90
C TYR B 13 35.50 -23.04 2.09
N TYR B 14 36.59 -23.46 2.69
CA TYR B 14 37.07 -22.84 3.91
C TYR B 14 37.91 -21.61 3.65
N THR B 15 37.97 -21.18 2.39
CA THR B 15 38.51 -19.87 2.06
C THR B 15 37.45 -18.94 1.50
N LYS B 16 36.18 -19.33 1.58
CA LYS B 16 35.07 -18.44 1.25
C LYS B 16 35.10 -17.24 2.18
N PRO B 17 34.58 -16.10 1.73
CA PRO B 17 34.40 -15.00 2.68
C PRO B 17 33.35 -15.39 3.68
N SER B 18 33.45 -14.90 4.91
CA SER B 18 32.37 -15.10 5.87
C SER B 18 31.78 -13.78 6.30
N PHE B 19 30.55 -13.84 6.81
CA PHE B 19 29.87 -12.67 7.30
C PHE B 19 29.32 -12.95 8.69
N GLU B 20 29.38 -11.97 9.56
CA GLU B 20 28.82 -12.09 10.88
C GLU B 20 28.03 -10.82 11.22
N PHE B 21 26.91 -10.99 11.89
CA PHE B 21 26.08 -9.86 12.24
C PHE B 21 25.56 -10.03 13.65
N GLU B 22 25.43 -8.93 14.37
CA GLU B 22 24.94 -9.00 15.74
C GLU B 22 23.58 -8.31 15.87
N LYS B 23 22.83 -8.68 16.91
CA LYS B 23 21.58 -8.03 17.27
C LYS B 23 20.64 -7.97 16.08
N GLN B 24 20.44 -9.10 15.43
CA GLN B 24 19.58 -9.16 14.26
C GLN B 24 18.16 -9.59 14.57
N PHE B 25 17.24 -9.26 13.66
CA PHE B 25 15.84 -9.67 13.80
C PHE B 25 15.52 -10.83 12.88
N GLY B 26 15.31 -12.01 13.44
CA GLY B 26 15.02 -13.19 12.65
C GLY B 26 13.56 -13.50 12.45
N PHE B 27 13.17 -13.79 11.21
CA PHE B 27 11.79 -14.15 10.90
C PHE B 27 11.63 -15.30 9.89
N MET B 28 10.45 -15.93 9.98
CA MET B 28 10.04 -17.06 9.14
C MET B 28 8.98 -16.68 8.11
N LEU B 29 9.07 -17.29 6.94
CA LEU B 29 8.12 -17.02 5.86
C LEU B 29 7.33 -18.26 5.49
N LYS B 30 6.50 -18.14 4.45
CA LYS B 30 5.84 -19.29 3.83
C LYS B 30 6.82 -20.37 3.42
N PRO B 31 6.92 -21.44 4.23
CA PRO B 31 7.87 -22.51 3.94
C PRO B 31 7.66 -23.08 2.54
N TRP B 32 8.43 -22.58 1.58
CA TRP B 32 8.20 -22.92 0.18
C TRP B 32 8.94 -24.19 -0.25
N THR B 33 10.02 -24.54 0.43
CA THR B 33 10.71 -25.79 0.15
C THR B 33 10.73 -26.68 1.38
N THR B 34 11.32 -27.86 1.23
CA THR B 34 11.30 -28.91 2.25
C THR B 34 11.98 -28.52 3.56
N VAL B 35 12.92 -27.57 3.48
CA VAL B 35 13.62 -27.11 4.67
C VAL B 35 13.27 -25.67 4.98
N ARG B 36 12.89 -25.43 6.22
CA ARG B 36 12.52 -24.09 6.69
C ARG B 36 13.73 -23.17 6.74
N PHE B 37 13.50 -21.87 6.62
CA PHE B 37 14.57 -20.88 6.56
C PHE B 37 14.34 -19.81 7.60
N MET B 38 15.41 -19.28 8.15
CA MET B 38 15.30 -18.03 8.88
C MET B 38 15.86 -16.90 8.05
N ASN B 39 15.18 -15.76 8.10
CA ASN B 39 15.59 -14.61 7.33
C ASN B 39 16.07 -13.47 8.18
N VAL B 40 17.15 -12.84 7.76
CA VAL B 40 17.60 -11.62 8.40
C VAL B 40 17.97 -10.59 7.35
N ILE B 41 17.74 -9.32 7.64
CA ILE B 41 18.09 -8.24 6.73
C ILE B 41 18.92 -7.23 7.50
N PRO B 42 20.22 -7.51 7.70
CA PRO B 42 20.94 -6.48 8.47
C PRO B 42 21.00 -5.14 7.78
N ASN B 43 21.15 -5.15 6.47
CA ASN B 43 21.20 -3.91 5.73
C ASN B 43 20.20 -3.83 4.60
N ARG B 44 20.69 -4.24 3.44
CA ARG B 44 19.86 -4.34 2.26
C ARG B 44 19.75 -5.73 1.65
N PHE B 45 20.45 -6.72 2.21
CA PHE B 45 20.35 -8.07 1.67
C PHE B 45 19.47 -8.99 2.50
N ILE B 46 18.51 -9.69 1.91
CA ILE B 46 17.72 -10.59 2.73
C ILE B 46 18.56 -11.86 2.79
N TYR B 47 19.07 -12.19 3.96
CA TYR B 47 19.75 -13.47 4.15
C TYR B 47 18.86 -14.62 4.59
N LYS B 48 18.94 -15.74 3.89
CA LYS B 48 18.16 -16.90 4.25
C LYS B 48 19.08 -17.94 4.86
N ILE B 49 18.77 -18.35 6.08
CA ILE B 49 19.61 -19.30 6.81
C ILE B 49 18.82 -20.56 7.09
N ALA B 50 19.28 -21.67 6.53
CA ALA B 50 18.59 -22.94 6.72
C ALA B 50 18.61 -23.41 8.16
N LEU B 51 17.46 -23.95 8.59
CA LEU B 51 17.33 -24.50 9.92
C LEU B 51 17.50 -26.00 9.88
N VAL B 52 18.65 -26.46 10.37
CA VAL B 52 18.96 -27.87 10.36
C VAL B 52 19.31 -28.33 11.76
N GLY B 53 19.42 -29.64 11.96
CA GLY B 53 19.77 -30.18 13.24
C GLY B 53 18.88 -29.69 14.38
N LYS B 54 19.51 -29.25 15.46
CA LYS B 54 18.79 -28.79 16.64
C LYS B 54 18.01 -27.50 16.42
N ASP B 55 18.31 -26.78 15.35
CA ASP B 55 17.58 -25.55 15.04
C ASP B 55 16.13 -25.82 14.65
N GLU B 56 15.87 -26.99 14.07
CA GLU B 56 14.51 -27.32 13.70
C GLU B 56 13.60 -27.37 14.91
N LYS B 57 14.10 -27.93 16.00
CA LYS B 57 13.39 -27.94 17.27
C LYS B 57 13.43 -26.56 17.90
N LYS B 58 14.52 -25.85 17.67
CA LYS B 58 14.84 -24.65 18.43
C LYS B 58 13.99 -23.47 18.01
N TYR B 59 13.74 -23.35 16.71
CA TYR B 59 13.02 -22.20 16.23
C TYR B 59 11.70 -22.65 15.64
N LYS B 60 10.63 -22.01 16.07
CA LYS B 60 9.30 -22.27 15.57
C LYS B 60 8.80 -21.15 14.69
N ASP B 61 7.74 -20.47 15.16
CA ASP B 61 7.11 -19.44 14.36
C ASP B 61 7.81 -18.10 14.56
N GLY B 62 8.44 -17.94 15.73
CA GLY B 62 9.12 -16.70 16.04
C GLY B 62 8.14 -15.55 16.18
N PRO B 63 8.58 -14.32 15.88
CA PRO B 63 9.90 -13.86 15.41
C PRO B 63 10.97 -14.05 16.47
N TYR B 64 12.23 -13.96 16.09
CA TYR B 64 13.30 -14.12 17.06
C TYR B 64 14.20 -12.90 17.02
N ASP B 65 14.13 -12.09 18.07
CA ASP B 65 14.94 -10.88 18.16
C ASP B 65 16.27 -11.20 18.79
N ASN B 66 17.20 -10.26 18.71
CA ASN B 66 18.48 -10.37 19.39
C ASN B 66 19.21 -11.67 19.06
N ILE B 67 19.36 -11.98 17.79
CA ILE B 67 20.16 -13.13 17.39
C ILE B 67 21.38 -12.68 16.63
N ASP B 68 22.44 -13.46 16.74
CA ASP B 68 23.64 -13.27 15.95
C ASP B 68 23.69 -14.37 14.92
N VAL B 69 24.29 -14.05 13.78
CA VAL B 69 24.39 -15.01 12.69
C VAL B 69 25.81 -15.05 12.15
N PHE B 70 26.31 -16.25 11.90
CA PHE B 70 27.55 -16.44 11.19
C PHE B 70 27.18 -17.07 9.86
N ILE B 71 27.52 -16.36 8.81
CA ILE B 71 27.00 -16.65 7.49
C ILE B 71 28.10 -17.02 6.53
N VAL B 72 27.93 -18.12 5.82
CA VAL B 72 28.81 -18.45 4.71
C VAL B 72 27.91 -18.79 3.53
N LEU B 73 28.09 -18.04 2.46
CA LEU B 73 27.30 -18.14 1.24
C LEU B 73 27.69 -19.27 0.30
N GLU B 74 26.76 -20.17 -0.02
CA GLU B 74 27.14 -21.31 -0.83
C GLU B 74 26.11 -21.73 -1.87
N ASP B 75 26.64 -22.29 -2.95
CA ASP B 75 25.88 -22.99 -3.99
C ASP B 75 24.84 -23.91 -3.38
N ASN B 76 23.57 -23.72 -3.77
CA ASN B 76 22.55 -24.65 -3.32
C ASN B 76 21.42 -24.95 -4.30
N LYS B 77 20.59 -25.92 -3.91
CA LYS B 77 19.53 -26.46 -4.75
C LYS B 77 18.48 -25.43 -5.11
N TYR B 78 18.00 -24.71 -4.11
CA TYR B 78 16.87 -23.80 -4.26
C TYR B 78 17.22 -22.59 -5.10
N GLN B 79 18.49 -22.49 -5.48
CA GLN B 79 18.97 -21.44 -6.35
C GLN B 79 18.81 -20.05 -5.74
N LEU B 80 18.69 -20.01 -4.41
CA LEU B 80 18.73 -18.76 -3.68
C LEU B 80 20.11 -18.15 -3.86
N LYS B 81 20.20 -16.83 -3.84
CA LYS B 81 21.48 -16.18 -4.06
C LYS B 81 22.09 -15.70 -2.75
N LYS B 82 21.34 -15.78 -1.67
CA LYS B 82 21.87 -15.39 -0.38
C LYS B 82 21.44 -16.51 0.56
N TYR B 83 22.29 -17.51 0.74
CA TYR B 83 21.96 -18.65 1.58
C TYR B 83 23.12 -19.23 2.38
N SER B 84 22.95 -19.25 3.69
CA SER B 84 23.89 -19.86 4.63
C SER B 84 23.19 -20.92 5.48
N VAL B 85 23.95 -21.74 6.19
CA VAL B 85 23.37 -22.86 6.93
C VAL B 85 23.85 -22.88 8.39
N GLY B 86 22.90 -22.87 9.32
CA GLY B 86 23.22 -22.96 10.73
C GLY B 86 23.81 -21.67 11.25
N GLY B 87 24.61 -21.76 12.31
CA GLY B 87 25.32 -20.60 12.79
C GLY B 87 24.51 -19.52 13.49
N ILE B 88 23.36 -19.88 14.05
CA ILE B 88 22.58 -18.88 14.76
C ILE B 88 22.80 -19.02 16.26
N THR B 89 23.07 -17.89 16.90
CA THR B 89 23.31 -17.83 18.34
C THR B 89 22.66 -16.63 18.97
N LYS B 90 22.49 -16.69 20.28
CA LYS B 90 22.08 -15.52 21.05
C LYS B 90 23.20 -14.50 21.14
N THR B 91 22.83 -13.23 21.03
CA THR B 91 23.77 -12.12 21.08
C THR B 91 24.35 -11.93 22.48
N ASN B 92 25.53 -11.34 22.56
CA ASN B 92 26.17 -11.07 23.83
C ASN B 92 25.25 -10.24 24.70
N SER B 93 25.18 -10.56 25.98
CA SER B 93 24.50 -9.73 26.96
C SER B 93 25.46 -8.69 27.52
N LYS B 94 26.70 -9.10 27.68
CA LYS B 94 27.77 -8.20 28.08
C LYS B 94 28.90 -8.31 27.07
N LYS B 95 29.77 -7.30 27.02
CA LYS B 95 30.91 -7.38 26.12
C LYS B 95 31.88 -8.45 26.61
N VAL B 96 32.48 -9.17 25.68
CA VAL B 96 33.39 -10.26 26.02
C VAL B 96 34.73 -10.17 25.30
N ASN B 97 35.81 -10.29 26.06
CA ASN B 97 37.13 -10.44 25.48
C ASN B 97 37.86 -11.53 26.24
N HIS B 98 37.58 -12.76 25.82
CA HIS B 98 38.03 -13.96 26.48
C HIS B 98 39.10 -14.65 25.65
N LYS B 99 40.36 -14.45 26.01
CA LYS B 99 41.48 -14.96 25.24
C LYS B 99 41.83 -16.39 25.69
N VAL B 100 41.89 -17.31 24.73
CA VAL B 100 42.21 -18.72 25.00
C VAL B 100 43.39 -19.21 24.17
N GLU B 101 44.06 -20.25 24.66
CA GLU B 101 45.23 -20.79 23.98
C GLU B 101 44.88 -21.70 22.82
N LEU B 102 45.52 -21.42 21.68
CA LEU B 102 45.47 -22.23 20.47
C LEU B 102 46.77 -22.96 20.16
N SER B 103 46.81 -24.27 20.34
CA SER B 103 48.03 -24.99 20.02
C SER B 103 47.88 -25.72 18.69
N ILE B 104 48.95 -25.73 17.91
CA ILE B 104 48.92 -26.32 16.58
C ILE B 104 50.10 -27.25 16.39
N THR B 105 49.83 -28.54 16.25
CA THR B 105 50.86 -29.52 15.95
C THR B 105 50.72 -30.04 14.52
N LYS B 106 51.82 -30.02 13.78
CA LYS B 106 51.80 -30.46 12.40
C LYS B 106 52.95 -31.40 12.07
N LYS B 107 52.63 -32.57 11.51
CA LYS B 107 53.63 -33.50 11.04
C LYS B 107 53.64 -33.43 9.52
N ASP B 108 54.71 -32.85 8.97
CA ASP B 108 54.80 -32.57 7.54
C ASP B 108 55.14 -33.74 6.61
N ASN B 109 55.16 -33.44 5.32
CA ASN B 109 55.39 -34.41 4.25
C ASN B 109 56.70 -35.20 4.35
N GLN B 110 57.61 -34.74 5.20
CA GLN B 110 58.85 -35.47 5.43
C GLN B 110 58.97 -35.92 6.87
N GLY B 111 57.82 -36.20 7.49
CA GLY B 111 57.77 -36.88 8.78
C GLY B 111 58.21 -36.02 9.94
N MET B 112 58.60 -34.78 9.64
CA MET B 112 59.04 -33.86 10.69
C MET B 112 57.86 -33.30 11.46
N ILE B 113 57.90 -33.46 12.78
CA ILE B 113 56.81 -32.97 13.62
C ILE B 113 57.15 -31.61 14.21
N SER B 114 56.28 -30.63 13.96
CA SER B 114 56.44 -29.33 14.56
C SER B 114 55.21 -28.93 15.38
N ARG B 115 55.44 -28.11 16.39
CA ARG B 115 54.40 -27.67 17.31
C ARG B 115 54.47 -26.15 17.42
N ASP B 116 53.34 -25.51 17.24
CA ASP B 116 53.28 -24.05 17.31
CA ASP B 116 53.28 -24.06 17.32
C ASP B 116 52.12 -23.64 18.20
N VAL B 117 52.12 -22.38 18.62
CA VAL B 117 51.09 -21.89 19.50
C VAL B 117 50.75 -20.44 19.17
N SER B 118 49.50 -20.10 19.41
CA SER B 118 48.97 -18.77 19.22
C SER B 118 47.84 -18.54 20.21
N GLU B 119 47.30 -17.33 20.22
CA GLU B 119 46.13 -17.05 21.02
C GLU B 119 44.96 -16.73 20.11
N TYR B 120 43.78 -17.14 20.54
CA TYR B 120 42.56 -17.02 19.76
C TYR B 120 41.54 -16.25 20.60
N MET B 121 41.05 -15.14 20.07
CA MET B 121 40.17 -14.26 20.82
C MET B 121 38.71 -14.65 20.67
N ILE B 122 38.10 -15.07 21.78
CA ILE B 122 36.67 -15.32 21.82
C ILE B 122 35.91 -14.06 22.19
N THR B 123 34.98 -13.64 21.35
CA THR B 123 34.23 -12.40 21.62
C THR B 123 32.75 -12.64 21.86
N LYS B 124 32.31 -13.90 21.87
CA LYS B 124 30.89 -14.21 21.99
C LYS B 124 30.58 -15.08 23.20
N GLU B 125 29.52 -14.74 23.92
CA GLU B 125 29.08 -15.56 25.05
C GLU B 125 28.60 -16.93 24.60
N GLU B 126 27.86 -16.92 23.50
CA GLU B 126 27.37 -18.15 22.89
C GLU B 126 27.85 -18.17 21.46
N ILE B 127 28.51 -19.26 21.08
CA ILE B 127 29.15 -19.34 19.77
C ILE B 127 28.86 -20.68 19.11
N SER B 128 28.63 -20.63 17.81
CA SER B 128 28.28 -21.82 17.05
C SER B 128 29.51 -22.62 16.66
N LEU B 129 29.35 -23.93 16.58
CA LEU B 129 30.39 -24.78 16.04
C LEU B 129 30.73 -24.39 14.61
N LYS B 130 29.73 -23.89 13.88
CA LYS B 130 29.94 -23.37 12.53
C LYS B 130 31.06 -22.33 12.48
N GLU B 131 30.98 -21.35 13.37
CA GLU B 131 31.93 -20.26 13.38
C GLU B 131 33.34 -20.71 13.73
N LEU B 132 33.47 -21.57 14.73
CA LEU B 132 34.78 -22.03 15.16
C LEU B 132 35.46 -22.87 14.10
N ASP B 133 34.72 -23.82 13.55
CA ASP B 133 35.23 -24.68 12.49
C ASP B 133 35.76 -23.87 11.33
N PHE B 134 34.94 -22.95 10.83
CA PHE B 134 35.26 -22.26 9.60
C PHE B 134 36.45 -21.33 9.79
N LYS B 135 36.42 -20.51 10.84
CA LYS B 135 37.49 -19.55 11.05
C LYS B 135 38.82 -20.21 11.35
N LEU B 136 38.78 -21.27 12.14
CA LEU B 136 40.00 -21.98 12.47
C LEU B 136 40.62 -22.67 11.27
N ARG B 137 39.80 -23.35 10.46
CA ARG B 137 40.34 -24.00 9.28
C ARG B 137 40.92 -22.98 8.29
N LYS B 138 40.27 -21.84 8.16
CA LYS B 138 40.79 -20.80 7.27
C LYS B 138 42.14 -20.31 7.76
N GLN B 139 42.21 -20.02 9.04
CA GLN B 139 43.47 -19.64 9.66
C GLN B 139 44.52 -20.71 9.43
N LEU B 140 44.15 -21.98 9.60
CA LEU B 140 45.09 -23.06 9.34
C LEU B 140 45.50 -23.15 7.88
N ILE B 141 44.56 -22.92 6.98
CA ILE B 141 44.86 -22.89 5.55
C ILE B 141 45.82 -21.78 5.18
N GLU B 142 45.54 -20.56 5.65
CA GLU B 142 46.36 -19.42 5.29
C GLU B 142 47.76 -19.51 5.87
N LYS B 143 47.87 -19.93 7.13
CA LYS B 143 49.11 -19.85 7.86
C LYS B 143 49.86 -21.18 7.95
N HIS B 144 49.14 -22.28 7.77
CA HIS B 144 49.76 -23.58 7.94
C HIS B 144 49.51 -24.51 6.75
N ASN B 145 49.08 -23.93 5.64
CA ASN B 145 48.85 -24.66 4.41
C ASN B 145 47.98 -25.91 4.56
N LEU B 146 46.98 -25.84 5.42
CA LEU B 146 46.00 -26.91 5.49
C LEU B 146 45.38 -27.09 4.11
N TYR B 147 45.19 -28.34 3.71
CA TYR B 147 44.68 -28.69 2.38
C TYR B 147 45.64 -28.28 1.25
N GLY B 148 46.90 -28.05 1.59
CA GLY B 148 47.94 -27.93 0.57
C GLY B 148 48.55 -29.27 0.26
N ASN B 149 49.38 -29.75 1.18
CA ASN B 149 49.98 -31.08 1.08
C ASN B 149 49.30 -31.99 2.10
N MET B 150 48.86 -31.39 3.20
CA MET B 150 48.24 -32.11 4.30
C MET B 150 46.79 -31.69 4.45
N GLY B 151 45.93 -32.66 4.74
CA GLY B 151 44.51 -32.40 4.90
C GLY B 151 43.85 -33.34 5.89
N SER B 152 44.62 -33.81 6.87
CA SER B 152 44.05 -34.69 7.89
C SER B 152 44.40 -34.23 9.29
N GLY B 153 43.72 -34.84 10.26
CA GLY B 153 43.91 -34.53 11.65
C GLY B 153 42.66 -34.01 12.31
N THR B 154 42.81 -33.31 13.41
CA THR B 154 41.67 -32.86 14.21
C THR B 154 41.80 -31.43 14.72
N ILE B 155 40.65 -30.80 14.92
CA ILE B 155 40.54 -29.65 15.82
C ILE B 155 39.75 -30.06 17.05
N VAL B 156 40.28 -29.77 18.23
CA VAL B 156 39.57 -30.09 19.46
C VAL B 156 39.31 -28.85 20.32
N ILE B 157 38.03 -28.55 20.54
CA ILE B 157 37.66 -27.54 21.51
C ILE B 157 37.51 -28.11 22.91
N LYS B 158 38.42 -27.74 23.80
CA LYS B 158 38.42 -28.25 25.16
C LYS B 158 37.69 -27.28 26.08
N MET B 159 36.72 -27.78 26.83
CA MET B 159 35.94 -26.92 27.70
C MET B 159 36.54 -26.99 29.09
N LYS B 160 36.26 -25.99 29.91
CA LYS B 160 36.86 -25.92 31.24
C LYS B 160 36.43 -27.04 32.16
N ASN B 161 35.38 -27.75 31.81
CA ASN B 161 34.90 -28.81 32.68
C ASN B 161 34.99 -30.19 32.04
N GLY B 162 35.87 -30.31 31.06
CA GLY B 162 36.21 -31.61 30.53
C GLY B 162 35.81 -31.89 29.09
N GLY B 163 34.58 -31.57 28.74
CA GLY B 163 34.03 -31.91 27.45
C GLY B 163 34.86 -31.50 26.25
N LYS B 164 34.60 -32.13 25.12
CA LYS B 164 35.35 -31.89 23.90
C LYS B 164 34.38 -31.75 22.74
N TYR B 165 34.68 -30.84 21.82
CA TYR B 165 34.00 -30.82 20.54
C TYR B 165 35.02 -31.05 19.43
N THR B 166 34.85 -32.09 18.63
CA THR B 166 35.89 -32.46 17.66
C THR B 166 35.47 -32.24 16.21
N PHE B 167 36.33 -31.57 15.45
CA PHE B 167 36.16 -31.40 14.01
C PHE B 167 37.21 -32.15 13.20
N GLU B 168 36.79 -33.17 12.45
CA GLU B 168 37.71 -33.94 11.62
C GLU B 168 38.00 -33.25 10.29
N LEU B 169 39.29 -33.05 10.01
CA LEU B 169 39.70 -32.14 8.95
C LEU B 169 39.65 -32.73 7.55
N HIS B 170 39.58 -34.06 7.44
CA HIS B 170 39.60 -34.69 6.12
C HIS B 170 38.27 -34.57 5.40
N LYS B 171 37.27 -34.01 6.07
CA LYS B 171 35.98 -33.82 5.43
C LYS B 171 35.25 -32.59 5.98
N LYS B 172 34.25 -32.13 5.24
CA LYS B 172 33.50 -30.97 5.67
C LYS B 172 32.79 -31.27 6.97
N LEU B 173 32.56 -30.24 7.78
CA LEU B 173 31.76 -30.39 8.97
C LEU B 173 30.37 -30.87 8.61
N GLN B 174 29.89 -31.89 9.33
CA GLN B 174 28.53 -32.37 9.11
C GLN B 174 27.56 -31.22 9.26
N GLU B 175 26.56 -31.20 8.39
CA GLU B 175 25.68 -30.05 8.25
C GLU B 175 24.93 -29.72 9.54
N HIS B 176 24.36 -30.74 10.18
CA HIS B 176 23.57 -30.54 11.40
C HIS B 176 24.35 -29.90 12.54
N ARG B 177 25.65 -30.15 12.60
CA ARG B 177 26.47 -29.63 13.70
C ARG B 177 26.75 -28.15 13.59
N MET B 178 26.53 -27.58 12.41
CA MET B 178 26.68 -26.14 12.22
C MET B 178 25.67 -25.31 12.99
N ALA B 179 24.58 -25.94 13.41
CA ALA B 179 23.57 -25.29 14.23
C ALA B 179 23.86 -25.45 15.71
N ASP B 180 24.78 -26.33 16.02
CA ASP B 180 25.13 -26.62 17.40
C ASP B 180 25.86 -25.42 17.98
N VAL B 181 25.46 -25.02 19.18
CA VAL B 181 26.05 -23.87 19.85
C VAL B 181 26.62 -24.25 21.21
N ILE B 182 27.72 -23.60 21.58
CA ILE B 182 28.41 -23.88 22.83
C ILE B 182 28.68 -22.60 23.61
N ASP B 183 29.03 -22.74 24.88
CA ASP B 183 29.34 -21.58 25.69
C ASP B 183 30.70 -21.03 25.41
N GLY B 184 30.73 -19.90 24.72
CA GLY B 184 31.96 -19.25 24.37
C GLY B 184 32.89 -18.98 25.54
N THR B 185 32.31 -18.64 26.69
CA THR B 185 33.11 -18.34 27.87
C THR B 185 33.64 -19.55 28.63
N ASN B 186 33.15 -20.74 28.30
CA ASN B 186 33.64 -22.00 28.86
C ASN B 186 34.70 -22.74 28.05
N ILE B 187 35.14 -22.19 26.93
CA ILE B 187 36.25 -22.80 26.22
C ILE B 187 37.57 -22.63 26.95
N ASP B 188 38.26 -23.73 27.24
CA ASP B 188 39.54 -23.69 27.94
C ASP B 188 40.71 -23.51 27.01
N ASN B 189 40.81 -24.40 26.02
CA ASN B 189 41.82 -24.24 25.00
C ASN B 189 41.51 -25.01 23.73
N ILE B 190 42.36 -24.84 22.72
CA ILE B 190 42.17 -25.50 21.43
C ILE B 190 43.42 -26.21 20.94
N GLU B 191 43.30 -27.46 20.54
CA GLU B 191 44.50 -28.20 20.13
C GLU B 191 44.26 -28.68 18.72
N VAL B 192 45.18 -28.32 17.84
CA VAL B 192 45.11 -28.75 16.46
C VAL B 192 46.25 -29.70 16.17
N ASN B 193 45.95 -30.77 15.46
CA ASN B 193 46.93 -31.74 15.06
C ASN B 193 46.71 -32.04 13.61
N ILE B 194 47.59 -31.52 12.76
CA ILE B 194 47.47 -31.71 11.34
C ILE B 194 48.48 -32.76 10.93
N LYS B 195 48.07 -33.69 10.08
CA LYS B 195 48.96 -34.74 9.64
C LYS B 195 48.58 -35.24 8.26
#